data_3LV2
#
_entry.id   3LV2
#
_cell.length_a   62.627
_cell.length_b   83.430
_cell.length_c   157.988
_cell.angle_alpha   90.00
_cell.angle_beta   90.00
_cell.angle_gamma   90.00
#
_symmetry.space_group_name_H-M   'P 21 21 21'
#
loop_
_entity.id
_entity.type
_entity.pdbx_description
1 polymer 'Adenosylmethionine-8-amino-7-oxononanoate aminotransferase'
2 non-polymer "PYRIDOXAL-5'-PHOSPHATE"
3 non-polymer SINEFUNGIN
4 water water
#
_entity_poly.entity_id   1
_entity_poly.type   'polypeptide(L)'
_entity_poly.pdbx_seq_one_letter_code
;MGSSHHHHHHSSGLQGTENLYFQSHMAAATGGLTPEQIIAVDGAHLWHPYSSIGREAVSPVVAVAAHGAWLTLIRDGQPI
EVLDAMSSWWTAIHGHGHPALDQALTTQLRVMNHVMFGGLTHEPAARLAKLLVDITPAGLDTVFFSDSGSVSVEVAAKMA
LQYWRGRGLPGKRRLMTWRGGYHGDTFLAMSICDPHGGMHSLWTDVLAAQVFAPQVPRDYDPAYSAAFEAQLAQHAGELA
AVVVEPVVQGAGGMRFHDPRYLHDLRDICRRYEVLLIFDEIATGFGRTGALFAADHAGVSPDIMCVGKALTGGYLSLAAT
LCTADVAHTISAGAAGALMRGPTFMANPLACAVSVASVELLLGQDWRTRITELAAGLTAGLDTARALPAVTDVRVCGAIG
VIECDRPVDLAVATPAALDRGVWLRPFRNLVYAMPPYICTPAEITQITSAMVEVARLVGSLP
;
_entity_poly.pdbx_strand_id   A,B
#
# COMPACT_ATOMS: atom_id res chain seq x y z
N GLY A 32 -18.47 -5.16 19.65
CA GLY A 32 -19.59 -5.94 19.02
C GLY A 32 -20.77 -5.09 18.57
N LEU A 33 -20.48 -4.03 17.83
CA LEU A 33 -21.48 -3.05 17.38
C LEU A 33 -22.67 -3.59 16.61
N THR A 34 -23.80 -2.89 16.72
CA THR A 34 -24.97 -3.20 15.93
C THR A 34 -24.86 -2.52 14.57
N PRO A 35 -25.60 -3.01 13.56
CA PRO A 35 -25.64 -2.33 12.27
C PRO A 35 -25.91 -0.83 12.38
N GLU A 36 -26.81 -0.43 13.29
CA GLU A 36 -27.17 0.97 13.45
C GLU A 36 -26.02 1.78 14.04
N GLN A 37 -25.27 1.16 14.95
CA GLN A 37 -24.10 1.82 15.52
C GLN A 37 -22.98 1.92 14.48
N ILE A 38 -22.76 0.84 13.73
CA ILE A 38 -21.83 0.86 12.60
C ILE A 38 -22.15 2.01 11.65
N ILE A 39 -23.40 2.14 11.26
CA ILE A 39 -23.80 3.18 10.32
C ILE A 39 -23.55 4.58 10.89
N ALA A 40 -23.85 4.73 12.18
CA ALA A 40 -23.67 6.00 12.89
C ALA A 40 -22.21 6.41 12.92
N VAL A 41 -21.33 5.48 13.32
CA VAL A 41 -19.89 5.72 13.33
C VAL A 41 -19.37 6.04 11.94
N ASP A 42 -19.84 5.28 10.95
CA ASP A 42 -19.31 5.39 9.61
C ASP A 42 -19.67 6.75 8.99
N GLY A 43 -20.92 7.16 9.23
CA GLY A 43 -21.40 8.45 8.74
C GLY A 43 -20.58 9.59 9.31
N ALA A 44 -20.23 9.48 10.58
CA ALA A 44 -19.51 10.53 11.28
C ALA A 44 -18.00 10.55 11.00
N HIS A 45 -17.39 9.40 10.75
CA HIS A 45 -15.92 9.27 10.83
C HIS A 45 -15.20 8.58 9.69
N LEU A 46 -15.92 7.85 8.84
CA LEU A 46 -15.26 7.09 7.78
C LEU A 46 -15.38 7.72 6.39
N TRP A 47 -14.25 7.83 5.71
CA TRP A 47 -14.24 8.27 4.34
C TRP A 47 -14.21 7.02 3.48
N HIS A 48 -15.08 6.96 2.47
CA HIS A 48 -15.07 5.87 1.49
C HIS A 48 -14.55 6.41 0.16
N PRO A 49 -14.18 5.50 -0.77
CA PRO A 49 -13.77 6.01 -2.07
C PRO A 49 -14.97 6.54 -2.86
N TYR A 50 -14.74 7.58 -3.67
CA TYR A 50 -15.76 8.20 -4.52
C TYR A 50 -16.44 9.42 -3.87
N SER A 59 -24.89 6.51 1.26
CA SER A 59 -24.87 5.70 2.49
C SER A 59 -24.54 4.23 2.20
N PRO A 60 -23.42 3.73 2.75
CA PRO A 60 -22.95 2.37 2.47
C PRO A 60 -23.81 1.32 3.17
N VAL A 61 -23.80 0.10 2.63
CA VAL A 61 -24.52 -1.01 3.23
C VAL A 61 -23.59 -1.73 4.22
N VAL A 62 -24.11 -2.06 5.39
CA VAL A 62 -23.33 -2.82 6.38
C VAL A 62 -23.18 -4.28 5.97
N ALA A 63 -21.93 -4.71 5.87
CA ALA A 63 -21.60 -6.10 5.67
C ALA A 63 -21.23 -6.70 7.01
N VAL A 64 -21.87 -7.83 7.37
CA VAL A 64 -21.59 -8.48 8.64
C VAL A 64 -20.95 -9.86 8.50
N ALA A 65 -20.85 -10.37 7.28
CA ALA A 65 -20.27 -11.70 7.08
C ALA A 65 -19.99 -11.98 5.62
N ALA A 66 -19.09 -12.92 5.37
CA ALA A 66 -18.73 -13.31 4.02
C ALA A 66 -18.28 -14.76 4.04
N HIS A 67 -18.92 -15.59 3.23
CA HIS A 67 -18.63 -17.02 3.19
C HIS A 67 -18.81 -17.53 1.77
N GLY A 68 -17.76 -18.12 1.22
CA GLY A 68 -17.82 -18.57 -0.18
C GLY A 68 -18.10 -17.39 -1.09
N ALA A 69 -19.11 -17.57 -1.96
CA ALA A 69 -19.47 -16.56 -2.93
C ALA A 69 -20.45 -15.54 -2.38
N TRP A 70 -20.79 -15.67 -1.10
CA TRP A 70 -21.90 -14.92 -0.53
C TRP A 70 -21.51 -13.95 0.57
N LEU A 71 -22.15 -12.78 0.56
CA LEU A 71 -22.01 -11.78 1.60
C LEU A 71 -23.29 -11.77 2.41
N THR A 72 -23.17 -11.48 3.69
CA THR A 72 -24.34 -11.21 4.53
C THR A 72 -24.37 -9.72 4.80
N LEU A 73 -25.38 -9.06 4.24
CA LEU A 73 -25.53 -7.61 4.32
C LEU A 73 -26.80 -7.24 5.10
N ILE A 74 -26.82 -6.04 5.67
CA ILE A 74 -27.96 -5.55 6.42
C ILE A 74 -28.85 -4.64 5.57
N ARG A 75 -30.07 -5.09 5.33
CA ARG A 75 -31.03 -4.34 4.54
C ARG A 75 -32.34 -4.14 5.33
N ASP A 76 -32.72 -2.88 5.54
CA ASP A 76 -33.91 -2.57 6.34
C ASP A 76 -33.87 -3.25 7.70
N GLY A 77 -32.69 -3.29 8.30
CA GLY A 77 -32.51 -3.86 9.63
C GLY A 77 -32.47 -5.39 9.67
N GLN A 78 -32.47 -6.03 8.51
CA GLN A 78 -32.43 -7.51 8.46
C GLN A 78 -31.26 -8.02 7.62
N PRO A 79 -30.66 -9.14 8.04
CA PRO A 79 -29.55 -9.68 7.26
C PRO A 79 -30.07 -10.33 5.99
N ILE A 80 -29.35 -10.16 4.88
CA ILE A 80 -29.70 -10.82 3.64
C ILE A 80 -28.43 -11.40 3.02
N GLU A 81 -28.60 -12.53 2.32
CA GLU A 81 -27.48 -13.18 1.67
C GLU A 81 -27.46 -12.73 0.23
N VAL A 82 -26.33 -12.20 -0.23
CA VAL A 82 -26.22 -11.80 -1.62
C VAL A 82 -24.92 -12.30 -2.20
N LEU A 83 -24.93 -12.60 -3.50
CA LEU A 83 -23.72 -12.99 -4.19
C LEU A 83 -22.75 -11.80 -4.39
N ASP A 84 -21.48 -12.03 -4.08
CA ASP A 84 -20.39 -11.08 -4.35
C ASP A 84 -20.03 -11.17 -5.84
N ALA A 85 -20.86 -10.56 -6.68
CA ALA A 85 -20.66 -10.60 -8.13
C ALA A 85 -19.42 -9.81 -8.54
N MET A 86 -18.97 -8.94 -7.65
CA MET A 86 -17.79 -8.12 -7.90
C MET A 86 -16.50 -8.81 -7.44
N SER A 87 -16.63 -9.93 -6.72
CA SER A 87 -15.47 -10.55 -6.09
C SER A 87 -14.76 -9.61 -5.13
N SER A 88 -15.50 -8.64 -4.57
CA SER A 88 -14.93 -7.62 -3.70
C SER A 88 -13.79 -6.89 -4.41
N TRP A 89 -14.13 -6.24 -5.52
CA TRP A 89 -13.18 -5.51 -6.37
C TRP A 89 -12.10 -6.42 -6.97
N TRP A 90 -12.55 -7.59 -7.41
CA TRP A 90 -11.81 -8.47 -8.30
C TRP A 90 -10.75 -9.27 -7.55
N THR A 91 -10.96 -9.42 -6.25
CA THR A 91 -9.98 -10.08 -5.42
C THR A 91 -10.36 -11.51 -5.00
N ALA A 92 -11.63 -11.74 -4.70
CA ALA A 92 -12.06 -13.00 -4.10
C ALA A 92 -12.22 -14.14 -5.10
N ILE A 93 -11.14 -14.53 -5.78
CA ILE A 93 -11.28 -15.59 -6.81
C ILE A 93 -11.74 -16.98 -6.30
N HIS A 94 -11.42 -17.31 -5.06
CA HIS A 94 -11.81 -18.60 -4.49
C HIS A 94 -12.95 -18.45 -3.48
N GLY A 95 -13.62 -17.30 -3.50
CA GLY A 95 -14.64 -17.00 -2.51
C GLY A 95 -14.03 -16.56 -1.18
N HIS A 96 -14.89 -16.15 -0.26
CA HIS A 96 -14.45 -15.76 1.08
C HIS A 96 -14.40 -16.97 1.99
N GLY A 97 -13.49 -16.94 2.97
CA GLY A 97 -13.45 -17.98 3.99
C GLY A 97 -13.28 -19.35 3.37
N HIS A 98 -12.43 -19.45 2.35
CA HIS A 98 -12.08 -20.74 1.83
C HIS A 98 -11.21 -21.50 2.85
N PRO A 99 -11.58 -22.74 3.20
CA PRO A 99 -10.88 -23.50 4.24
C PRO A 99 -9.37 -23.59 4.05
N ALA A 100 -8.91 -23.75 2.81
CA ALA A 100 -7.49 -23.84 2.55
C ALA A 100 -6.75 -22.52 2.81
N LEU A 101 -7.40 -21.41 2.50
CA LEU A 101 -6.73 -20.10 2.65
C LEU A 101 -6.82 -19.67 4.10
N ASP A 102 -7.96 -19.94 4.74
CA ASP A 102 -8.13 -19.69 6.18
C ASP A 102 -7.02 -20.40 6.97
N GLN A 103 -6.81 -21.66 6.64
CA GLN A 103 -5.85 -22.51 7.36
C GLN A 103 -4.42 -22.07 7.14
N ALA A 104 -4.09 -21.72 5.89
CA ALA A 104 -2.75 -21.24 5.55
C ALA A 104 -2.39 -20.02 6.39
N LEU A 105 -3.36 -19.13 6.57
CA LEU A 105 -3.18 -17.94 7.39
C LEU A 105 -3.02 -18.28 8.88
N THR A 106 -3.86 -19.17 9.38
CA THR A 106 -3.80 -19.53 10.80
C THR A 106 -2.51 -20.26 11.15
N THR A 107 -2.08 -21.12 10.23
CA THR A 107 -0.82 -21.81 10.35
C THR A 107 0.34 -20.83 10.39
N GLN A 108 0.37 -19.86 9.47
CA GLN A 108 1.45 -18.88 9.49
C GLN A 108 1.41 -18.02 10.75
N LEU A 109 0.21 -17.66 11.19
CA LEU A 109 0.04 -16.81 12.36
C LEU A 109 0.67 -17.44 13.60
N ARG A 110 0.64 -18.77 13.62
CA ARG A 110 1.18 -19.55 14.72
C ARG A 110 2.70 -19.42 14.82
N VAL A 111 3.38 -19.46 13.69
CA VAL A 111 4.85 -19.45 13.71
C VAL A 111 5.45 -18.05 13.64
N MET A 112 4.95 -17.18 12.75
CA MET A 112 5.43 -15.78 12.76
C MET A 112 4.60 -14.82 11.94
N ASN A 113 4.11 -13.79 12.61
CA ASN A 113 3.24 -12.82 11.95
C ASN A 113 4.00 -12.00 10.89
N HIS A 114 5.20 -11.54 11.23
CA HIS A 114 5.93 -10.58 10.41
C HIS A 114 7.32 -10.35 10.98
N VAL A 115 8.30 -10.23 10.08
CA VAL A 115 9.61 -9.67 10.40
C VAL A 115 9.99 -8.73 9.26
N MET A 116 10.91 -7.82 9.52
CA MET A 116 11.38 -6.86 8.51
C MET A 116 12.18 -7.55 7.41
N PHE A 117 11.93 -7.15 6.17
CA PHE A 117 12.62 -7.75 5.03
C PHE A 117 14.00 -7.13 4.79
N GLY A 118 14.34 -6.13 5.59
CA GLY A 118 15.69 -5.57 5.59
C GLY A 118 16.65 -6.47 6.36
N GLY A 119 17.42 -7.27 5.62
CA GLY A 119 18.44 -8.12 6.21
C GLY A 119 17.95 -9.51 6.58
N LEU A 120 16.63 -9.72 6.45
CA LEU A 120 16.00 -10.97 6.82
C LEU A 120 15.21 -11.53 5.66
N THR A 121 15.15 -12.86 5.58
CA THR A 121 14.25 -13.49 4.62
C THR A 121 13.42 -14.59 5.33
N HIS A 122 12.46 -15.18 4.63
CA HIS A 122 11.60 -16.20 5.22
C HIS A 122 10.95 -17.09 4.17
N GLU A 123 10.36 -18.19 4.64
CA GLU A 123 9.81 -19.22 3.75
C GLU A 123 8.67 -18.75 2.86
N PRO A 124 7.66 -18.09 3.44
CA PRO A 124 6.52 -17.58 2.66
C PRO A 124 6.89 -16.68 1.49
N ALA A 125 7.80 -15.74 1.70
CA ALA A 125 8.34 -14.92 0.59
C ALA A 125 9.05 -15.78 -0.46
N ALA A 126 9.91 -16.69 0.01
CA ALA A 126 10.64 -17.61 -0.87
C ALA A 126 9.70 -18.52 -1.70
N ARG A 127 8.74 -19.17 -1.04
CA ARG A 127 7.73 -19.99 -1.72
C ARG A 127 6.92 -19.19 -2.74
N LEU A 128 6.49 -17.99 -2.36
CA LEU A 128 5.66 -17.18 -3.23
C LEU A 128 6.46 -16.68 -4.42
N ALA A 129 7.69 -16.22 -4.16
CA ALA A 129 8.58 -15.74 -5.24
C ALA A 129 8.80 -16.82 -6.27
N LYS A 130 9.08 -18.03 -5.80
CA LYS A 130 9.32 -19.17 -6.68
C LYS A 130 8.06 -19.52 -7.50
N LEU A 131 6.91 -19.58 -6.85
CA LEU A 131 5.65 -19.76 -7.58
C LEU A 131 5.43 -18.69 -8.65
N LEU A 132 5.58 -17.43 -8.29
CA LEU A 132 5.37 -16.31 -9.23
C LEU A 132 6.31 -16.32 -10.43
N VAL A 133 7.60 -16.57 -10.20
CA VAL A 133 8.53 -16.60 -11.33
C VAL A 133 8.18 -17.75 -12.29
N ASP A 134 7.77 -18.89 -11.72
CA ASP A 134 7.40 -20.08 -12.49
C ASP A 134 6.14 -19.94 -13.36
N ILE A 135 5.13 -19.22 -12.87
CA ILE A 135 3.85 -19.11 -13.57
C ILE A 135 3.71 -17.88 -14.44
N THR A 136 4.59 -16.90 -14.29
CA THR A 136 4.52 -15.70 -15.12
C THR A 136 5.22 -15.92 -16.47
N PRO A 137 4.97 -15.01 -17.43
CA PRO A 137 5.63 -15.08 -18.72
C PRO A 137 7.15 -15.23 -18.64
N ALA A 138 7.71 -15.93 -19.62
CA ALA A 138 9.11 -16.29 -19.63
C ALA A 138 10.05 -15.08 -19.52
N GLY A 139 11.08 -15.21 -18.69
CA GLY A 139 12.09 -14.17 -18.55
C GLY A 139 12.00 -13.45 -17.21
N LEU A 140 10.84 -13.47 -16.59
CA LEU A 140 10.65 -12.76 -15.33
C LEU A 140 11.15 -13.62 -14.17
N ASP A 141 12.30 -13.28 -13.63
CA ASP A 141 12.88 -14.15 -12.60
C ASP A 141 13.24 -13.45 -11.30
N THR A 142 12.73 -12.23 -11.13
CA THR A 142 13.08 -11.41 -9.99
C THR A 142 11.81 -10.77 -9.43
N VAL A 143 11.61 -10.84 -8.12
CA VAL A 143 10.36 -10.44 -7.55
C VAL A 143 10.60 -9.41 -6.45
N PHE A 144 9.92 -8.28 -6.56
CA PHE A 144 9.95 -7.23 -5.53
C PHE A 144 8.53 -7.09 -4.98
N PHE A 145 8.35 -7.43 -3.71
CA PHE A 145 7.04 -7.33 -3.06
C PHE A 145 6.72 -5.93 -2.53
N SER A 146 5.46 -5.54 -2.62
CA SER A 146 4.98 -4.32 -1.96
C SER A 146 3.57 -4.55 -1.40
N ASP A 147 2.95 -3.50 -0.86
CA ASP A 147 1.68 -3.68 -0.15
C ASP A 147 0.43 -3.37 -0.95
N SER A 148 0.58 -2.77 -2.14
CA SER A 148 -0.59 -2.42 -2.94
C SER A 148 -0.24 -2.35 -4.42
N GLY A 149 -1.27 -2.50 -5.24
CA GLY A 149 -1.11 -2.39 -6.69
C GLY A 149 -0.47 -1.10 -7.13
N SER A 150 -0.93 0.05 -6.62
CA SER A 150 -0.34 1.35 -7.01
C SER A 150 1.13 1.45 -6.66
N VAL A 151 1.54 0.90 -5.52
CA VAL A 151 2.95 0.95 -5.13
C VAL A 151 3.78 0.03 -6.04
N SER A 152 3.24 -1.14 -6.38
CA SER A 152 3.92 -2.02 -7.35
C SER A 152 4.15 -1.34 -8.71
N VAL A 153 3.24 -0.48 -9.12
CA VAL A 153 3.41 0.30 -10.35
C VAL A 153 4.54 1.34 -10.19
N GLU A 154 4.59 2.00 -9.05
CA GLU A 154 5.67 2.93 -8.73
C GLU A 154 7.02 2.23 -8.75
N VAL A 155 7.03 1.01 -8.23
CA VAL A 155 8.24 0.21 -8.20
C VAL A 155 8.66 -0.14 -9.63
N ALA A 156 7.67 -0.47 -10.45
CA ALA A 156 7.94 -0.82 -11.84
C ALA A 156 8.55 0.38 -12.56
N ALA A 157 8.03 1.56 -12.26
CA ALA A 157 8.55 2.82 -12.84
C ALA A 157 9.98 3.16 -12.39
N LYS A 158 10.27 2.97 -11.10
CA LYS A 158 11.63 3.15 -10.58
C LYS A 158 12.61 2.15 -11.19
N MET A 159 12.19 0.91 -11.34
CA MET A 159 13.00 -0.08 -12.02
C MET A 159 13.40 0.36 -13.41
N ALA A 160 12.42 0.86 -14.16
CA ALA A 160 12.63 1.25 -15.55
C ALA A 160 13.57 2.46 -15.66
N LEU A 161 13.33 3.46 -14.81
CA LEU A 161 14.16 4.66 -14.76
C LEU A 161 15.59 4.35 -14.29
N GLN A 162 15.73 3.52 -13.26
CA GLN A 162 17.07 3.15 -12.75
C GLN A 162 17.81 2.25 -13.72
N TYR A 163 17.06 1.42 -14.44
CA TYR A 163 17.63 0.64 -15.53
C TYR A 163 18.41 1.48 -16.55
N TRP A 164 17.77 2.52 -17.08
CA TRP A 164 18.38 3.33 -18.14
C TRP A 164 19.48 4.23 -17.60
N ARG A 165 19.30 4.71 -16.38
CA ARG A 165 20.33 5.45 -15.71
C ARG A 165 21.60 4.61 -15.61
N GLY A 166 21.43 3.33 -15.26
CA GLY A 166 22.54 2.39 -15.20
C GLY A 166 23.13 2.03 -16.56
N ARG A 167 22.53 2.56 -17.63
CA ARG A 167 23.05 2.40 -18.98
C ARG A 167 23.64 3.72 -19.46
N GLY A 168 23.60 4.73 -18.60
CA GLY A 168 24.16 6.03 -18.93
C GLY A 168 23.20 6.88 -19.72
N LEU A 169 21.91 6.54 -19.62
CA LEU A 169 20.85 7.19 -20.36
C LEU A 169 19.73 7.69 -19.45
N PRO A 170 20.06 8.58 -18.49
CA PRO A 170 19.02 9.04 -17.54
C PRO A 170 17.97 9.99 -18.13
N GLY A 171 18.22 10.50 -19.33
CA GLY A 171 17.20 11.26 -20.06
C GLY A 171 15.99 10.40 -20.41
N LYS A 172 16.16 9.08 -20.44
CA LYS A 172 15.04 8.16 -20.68
C LYS A 172 14.23 7.96 -19.40
N ARG A 173 13.27 8.85 -19.16
CA ARG A 173 12.61 8.95 -17.86
C ARG A 173 11.09 9.12 -17.95
N ARG A 174 10.57 9.26 -19.17
CA ARG A 174 9.13 9.39 -19.33
C ARG A 174 8.50 8.04 -19.56
N LEU A 175 7.19 7.97 -19.35
CA LEU A 175 6.43 6.76 -19.60
C LEU A 175 5.48 7.04 -20.74
N MET A 176 5.18 6.01 -21.53
CA MET A 176 4.20 6.12 -22.61
C MET A 176 3.12 5.06 -22.39
N THR A 177 1.89 5.44 -22.66
CA THR A 177 0.81 4.46 -22.56
C THR A 177 -0.22 4.83 -23.61
N TRP A 178 -1.27 4.01 -23.73
CA TRP A 178 -2.45 4.41 -24.46
C TRP A 178 -3.55 4.90 -23.52
N ARG A 179 -4.48 5.68 -24.06
CA ARG A 179 -5.62 6.18 -23.30
C ARG A 179 -6.55 5.08 -22.78
N GLY A 180 -7.37 5.42 -21.79
CA GLY A 180 -8.35 4.50 -21.22
C GLY A 180 -7.83 3.63 -20.10
N GLY A 181 -6.61 3.89 -19.67
CA GLY A 181 -5.96 3.03 -18.70
C GLY A 181 -6.14 3.45 -17.25
N TYR A 182 -5.80 2.53 -16.37
CA TYR A 182 -5.83 2.77 -14.95
C TYR A 182 -4.69 2.00 -14.32
N HIS A 183 -3.91 2.67 -13.48
CA HIS A 183 -2.73 2.03 -12.90
C HIS A 183 -2.55 2.33 -11.42
N GLY A 184 -3.58 2.93 -10.81
CA GLY A 184 -3.54 3.23 -9.38
C GLY A 184 -3.85 4.67 -8.98
N ASP A 185 -3.77 4.92 -7.69
CA ASP A 185 -4.23 6.19 -7.12
C ASP A 185 -3.10 7.09 -6.60
N THR A 186 -1.86 6.58 -6.57
CA THR A 186 -0.71 7.41 -6.20
C THR A 186 -0.36 8.38 -7.31
N PHE A 187 0.42 9.42 -6.99
CA PHE A 187 0.68 10.49 -7.97
C PHE A 187 1.31 10.03 -9.28
N LEU A 188 2.30 9.17 -9.21
CA LEU A 188 2.96 8.64 -10.42
C LEU A 188 2.03 7.71 -11.20
N ALA A 189 1.29 6.86 -10.49
CA ALA A 189 0.36 5.95 -11.13
C ALA A 189 -0.75 6.75 -11.82
N MET A 190 -1.20 7.83 -11.18
CA MET A 190 -2.15 8.76 -11.81
C MET A 190 -1.66 9.38 -13.13
N SER A 191 -0.33 9.58 -13.27
CA SER A 191 0.23 10.24 -14.46
C SER A 191 0.08 9.41 -15.74
N ILE A 192 -0.16 8.10 -15.59
CA ILE A 192 -0.39 7.21 -16.73
C ILE A 192 -1.82 6.67 -16.79
N CYS A 193 -2.66 7.10 -15.86
CA CYS A 193 -4.09 6.80 -15.93
C CYS A 193 -4.69 7.68 -17.01
N ASP A 194 -5.85 7.27 -17.52
CA ASP A 194 -6.54 8.04 -18.53
C ASP A 194 -6.68 9.50 -18.09
N PRO A 195 -6.21 10.44 -18.93
CA PRO A 195 -6.23 11.86 -18.58
C PRO A 195 -7.61 12.50 -18.35
N HIS A 196 -8.66 12.04 -19.03
CA HIS A 196 -9.99 12.62 -18.82
C HIS A 196 -10.77 11.91 -17.72
N GLY A 197 -10.74 10.58 -17.74
CA GLY A 197 -11.30 9.80 -16.65
C GLY A 197 -10.58 10.06 -15.33
N GLY A 198 -9.32 10.45 -15.42
CA GLY A 198 -8.51 10.74 -14.23
C GLY A 198 -8.51 12.21 -13.81
N MET A 199 -9.16 13.05 -14.61
CA MET A 199 -9.22 14.50 -14.36
C MET A 199 -7.83 15.09 -14.19
N HIS A 200 -6.93 14.77 -15.12
CA HIS A 200 -5.57 15.29 -15.10
C HIS A 200 -5.56 16.83 -15.08
N SER A 201 -6.58 17.44 -15.68
CA SER A 201 -6.68 18.90 -15.75
C SER A 201 -6.67 19.56 -14.37
N LEU A 202 -7.33 18.93 -13.40
CA LEU A 202 -7.27 19.43 -12.03
C LEU A 202 -6.32 18.65 -11.14
N TRP A 203 -5.32 18.04 -11.76
CA TRP A 203 -4.26 17.33 -11.04
C TRP A 203 -2.92 17.57 -11.68
N THR A 204 -2.92 18.29 -12.82
CA THR A 204 -1.68 18.47 -13.56
C THR A 204 -0.95 19.76 -13.20
N ASP A 205 0.31 19.84 -13.61
CA ASP A 205 1.24 20.80 -13.05
C ASP A 205 1.65 20.23 -11.70
N VAL A 206 0.95 19.17 -11.31
CA VAL A 206 1.29 18.37 -10.13
C VAL A 206 1.58 16.92 -10.55
N LEU A 207 1.17 16.56 -11.76
CA LEU A 207 1.45 15.22 -12.33
C LEU A 207 2.62 15.24 -13.31
N ALA A 208 3.46 14.21 -13.27
CA ALA A 208 4.46 14.02 -14.31
C ALA A 208 3.79 14.00 -15.68
N ALA A 209 4.40 14.66 -16.66
CA ALA A 209 3.83 14.76 -18.00
C ALA A 209 4.25 13.57 -18.85
N GLN A 210 3.29 12.70 -19.16
CA GLN A 210 3.60 11.45 -19.85
C GLN A 210 3.08 11.47 -21.29
N VAL A 211 3.43 10.42 -22.05
CA VAL A 211 3.05 10.36 -23.46
C VAL A 211 1.88 9.40 -23.67
N PHE A 212 0.81 9.92 -24.28
CA PHE A 212 -0.41 9.15 -24.48
C PHE A 212 -0.71 8.91 -25.96
N ALA A 213 -0.80 7.64 -26.35
CA ALA A 213 -1.37 7.28 -27.62
C ALA A 213 -2.89 7.27 -27.48
N PRO A 214 -3.62 7.29 -28.61
CA PRO A 214 -5.08 7.20 -28.55
C PRO A 214 -5.59 5.88 -27.94
N GLN A 215 -6.85 5.88 -27.55
CA GLN A 215 -7.50 4.67 -27.08
C GLN A 215 -7.20 3.52 -28.04
N VAL A 216 -6.74 2.39 -27.51
CA VAL A 216 -6.54 1.22 -28.35
C VAL A 216 -7.91 0.62 -28.68
N PRO A 217 -8.20 0.40 -29.98
CA PRO A 217 -9.49 -0.14 -30.40
C PRO A 217 -9.70 -1.61 -30.01
N ARG A 218 -10.94 -2.07 -30.04
CA ARG A 218 -11.25 -3.45 -29.71
CA ARG A 218 -11.26 -3.44 -29.72
C ARG A 218 -10.67 -4.39 -30.77
N ASP A 219 -11.04 -4.17 -32.02
CA ASP A 219 -10.57 -5.00 -33.12
C ASP A 219 -9.19 -4.58 -33.57
N TYR A 220 -8.42 -5.55 -34.07
CA TYR A 220 -7.06 -5.31 -34.53
C TYR A 220 -7.00 -4.47 -35.82
N ASP A 221 -6.26 -3.38 -35.73
CA ASP A 221 -6.05 -2.50 -36.87
C ASP A 221 -4.56 -2.16 -36.90
N PRO A 222 -3.82 -2.74 -37.86
CA PRO A 222 -2.38 -2.48 -37.97
C PRO A 222 -2.02 -0.98 -38.05
N ALA A 223 -2.94 -0.16 -38.57
CA ALA A 223 -2.70 1.27 -38.63
C ALA A 223 -2.56 1.90 -37.25
N TYR A 224 -3.29 1.37 -36.25
CA TYR A 224 -3.16 1.87 -34.88
C TYR A 224 -1.73 1.66 -34.36
N SER A 225 -1.21 0.45 -34.53
CA SER A 225 0.13 0.11 -34.04
C SER A 225 1.20 0.88 -34.79
N ALA A 226 0.93 1.20 -36.06
CA ALA A 226 1.88 1.95 -36.86
C ALA A 226 1.94 3.39 -36.39
N ALA A 227 0.79 3.94 -36.01
CA ALA A 227 0.75 5.29 -35.47
C ALA A 227 1.42 5.34 -34.09
N PHE A 228 1.28 4.24 -33.33
CA PHE A 228 1.85 4.13 -32.00
C PHE A 228 3.37 4.15 -32.09
N GLU A 229 3.92 3.32 -32.98
CA GLU A 229 5.35 3.32 -33.29
C GLU A 229 5.87 4.70 -33.67
N ALA A 230 5.13 5.39 -34.54
CA ALA A 230 5.55 6.71 -35.00
C ALA A 230 5.57 7.74 -33.87
N GLN A 231 4.59 7.67 -32.97
CA GLN A 231 4.63 8.52 -31.79
C GLN A 231 5.79 8.15 -30.86
N LEU A 232 5.93 6.85 -30.57
CA LEU A 232 7.01 6.40 -29.69
C LEU A 232 8.38 6.82 -30.24
N ALA A 233 8.59 6.63 -31.55
CA ALA A 233 9.84 7.00 -32.21
C ALA A 233 10.23 8.47 -31.97
N GLN A 234 9.25 9.37 -31.97
CA GLN A 234 9.50 10.78 -31.66
C GLN A 234 10.01 10.99 -30.23
N HIS A 235 9.66 10.10 -29.33
CA HIS A 235 9.96 10.31 -27.92
C HIS A 235 10.97 9.31 -27.39
N ALA A 236 11.47 8.43 -28.26
CA ALA A 236 12.23 7.27 -27.81
C ALA A 236 13.39 7.61 -26.86
N GLY A 237 14.08 8.71 -27.15
CA GLY A 237 15.22 9.15 -26.35
C GLY A 237 14.85 9.73 -24.99
N GLU A 238 13.58 10.02 -24.77
CA GLU A 238 13.13 10.45 -23.44
C GLU A 238 12.23 9.41 -22.76
N LEU A 239 12.01 8.27 -23.41
CA LEU A 239 11.12 7.23 -22.87
C LEU A 239 11.85 6.07 -22.20
N ALA A 240 11.52 5.86 -20.94
CA ALA A 240 12.03 4.71 -20.20
C ALA A 240 11.20 3.44 -20.52
N ALA A 241 9.89 3.62 -20.69
CA ALA A 241 8.98 2.48 -20.80
C ALA A 241 7.61 2.81 -21.37
N VAL A 242 7.03 1.79 -22.01
CA VAL A 242 5.61 1.73 -22.33
C VAL A 242 4.93 0.91 -21.24
N VAL A 243 3.83 1.42 -20.68
CA VAL A 243 3.09 0.72 -19.63
C VAL A 243 1.63 0.60 -20.03
N VAL A 244 1.11 -0.62 -20.05
CA VAL A 244 -0.28 -0.84 -20.41
C VAL A 244 -0.89 -2.00 -19.63
N GLU A 245 -2.21 -2.02 -19.57
CA GLU A 245 -2.95 -3.20 -19.14
C GLU A 245 -3.15 -4.06 -20.38
N PRO A 246 -2.65 -5.31 -20.34
CA PRO A 246 -2.79 -6.22 -21.48
C PRO A 246 -4.19 -6.84 -21.61
N VAL A 247 -4.76 -6.74 -22.81
CA VAL A 247 -6.02 -7.36 -23.20
C VAL A 247 -7.27 -6.72 -22.57
N VAL A 248 -7.28 -6.60 -21.25
CA VAL A 248 -8.39 -5.92 -20.59
C VAL A 248 -7.96 -4.64 -19.86
N GLN A 249 -8.62 -3.54 -20.22
CA GLN A 249 -8.54 -2.29 -19.47
C GLN A 249 -9.70 -2.22 -18.46
N GLY A 250 -9.39 -2.36 -17.17
CA GLY A 250 -10.40 -2.46 -16.13
C GLY A 250 -11.09 -1.18 -15.72
N ALA A 251 -10.53 -0.50 -14.73
CA ALA A 251 -11.19 0.67 -14.13
C ALA A 251 -11.31 1.90 -15.03
N GLY A 252 -10.61 1.88 -16.17
CA GLY A 252 -10.78 2.91 -17.19
C GLY A 252 -11.98 2.74 -18.10
N GLY A 253 -12.71 1.63 -17.94
CA GLY A 253 -13.91 1.40 -18.77
C GLY A 253 -14.19 -0.02 -19.25
N MET A 254 -13.55 -1.01 -18.64
CA MET A 254 -13.78 -2.40 -19.00
C MET A 254 -13.76 -2.64 -20.51
N ARG A 255 -12.70 -2.18 -21.16
CA ARG A 255 -12.53 -2.30 -22.60
C ARG A 255 -11.58 -3.43 -22.92
N PHE A 256 -11.94 -4.24 -23.92
CA PHE A 256 -11.07 -5.33 -24.39
C PHE A 256 -10.37 -4.91 -25.68
N HIS A 257 -9.16 -5.43 -25.90
CA HIS A 257 -8.50 -5.20 -27.19
C HIS A 257 -7.87 -6.48 -27.67
N ASP A 258 -7.72 -6.58 -28.99
CA ASP A 258 -7.09 -7.74 -29.58
C ASP A 258 -5.68 -7.96 -29.04
N PRO A 259 -5.41 -9.18 -28.52
CA PRO A 259 -4.09 -9.52 -28.01
C PRO A 259 -2.95 -9.21 -28.98
N ARG A 260 -3.25 -9.15 -30.27
CA ARG A 260 -2.21 -8.88 -31.28
C ARG A 260 -1.48 -7.54 -31.08
N TYR A 261 -2.19 -6.55 -30.56
CA TYR A 261 -1.57 -5.27 -30.20
C TYR A 261 -0.37 -5.40 -29.26
N LEU A 262 -0.39 -6.41 -28.39
CA LEU A 262 0.69 -6.66 -27.42
C LEU A 262 1.93 -7.19 -28.13
N HIS A 263 1.71 -7.95 -29.19
CA HIS A 263 2.79 -8.44 -30.02
C HIS A 263 3.49 -7.24 -30.66
N ASP A 264 2.71 -6.29 -31.17
CA ASP A 264 3.23 -5.09 -31.79
C ASP A 264 4.03 -4.23 -30.81
N LEU A 265 3.49 -4.02 -29.61
CA LEU A 265 4.18 -3.24 -28.59
C LEU A 265 5.51 -3.89 -28.19
N ARG A 266 5.51 -5.21 -28.02
CA ARG A 266 6.74 -5.94 -27.73
C ARG A 266 7.80 -5.66 -28.80
N ASP A 267 7.39 -5.74 -30.07
CA ASP A 267 8.31 -5.52 -31.18
C ASP A 267 8.76 -4.06 -31.28
N ILE A 268 7.82 -3.13 -31.12
CA ILE A 268 8.14 -1.71 -31.16
C ILE A 268 9.14 -1.31 -30.06
N CYS A 269 8.84 -1.68 -28.82
CA CYS A 269 9.73 -1.44 -27.68
C CYS A 269 11.14 -2.01 -27.88
N ARG A 270 11.23 -3.23 -28.41
CA ARG A 270 12.52 -3.86 -28.66
C ARG A 270 13.37 -3.09 -29.69
N ARG A 271 12.74 -2.63 -30.77
CA ARG A 271 13.45 -1.90 -31.80
C ARG A 271 13.86 -0.49 -31.42
N TYR A 272 13.11 0.14 -30.53
CA TYR A 272 13.43 1.50 -30.14
C TYR A 272 14.05 1.60 -28.76
N GLU A 273 14.41 0.44 -28.21
CA GLU A 273 15.04 0.37 -26.89
C GLU A 273 14.23 1.13 -25.83
N VAL A 274 13.01 0.67 -25.63
CA VAL A 274 12.09 1.18 -24.62
C VAL A 274 11.60 -0.09 -23.89
N LEU A 275 11.57 -0.07 -22.56
CA LEU A 275 11.10 -1.25 -21.85
C LEU A 275 9.57 -1.38 -21.97
N LEU A 276 9.08 -2.61 -21.81
CA LEU A 276 7.64 -2.85 -21.85
C LEU A 276 7.17 -3.29 -20.47
N ILE A 277 6.19 -2.60 -19.92
CA ILE A 277 5.65 -2.96 -18.62
C ILE A 277 4.18 -3.38 -18.76
N PHE A 278 3.86 -4.60 -18.33
CA PHE A 278 2.46 -5.01 -18.26
C PHE A 278 1.95 -4.88 -16.84
N ASP A 279 0.85 -4.16 -16.70
CA ASP A 279 0.16 -4.07 -15.44
C ASP A 279 -0.96 -5.11 -15.44
N GLU A 280 -0.69 -6.24 -14.79
CA GLU A 280 -1.66 -7.34 -14.68
C GLU A 280 -2.32 -7.42 -13.29
N ILE A 281 -2.39 -6.29 -12.59
CA ILE A 281 -3.01 -6.24 -11.28
C ILE A 281 -4.49 -6.69 -11.35
N ALA A 282 -5.19 -6.38 -12.45
CA ALA A 282 -6.58 -6.83 -12.61
C ALA A 282 -6.70 -8.12 -13.42
N THR A 283 -5.87 -8.26 -14.45
CA THR A 283 -5.95 -9.41 -15.38
C THR A 283 -5.32 -10.72 -14.90
N GLY A 284 -4.55 -10.67 -13.81
CA GLY A 284 -3.75 -11.83 -13.40
C GLY A 284 -4.54 -12.99 -12.82
N PHE A 285 -3.89 -14.14 -12.69
CA PHE A 285 -4.47 -15.29 -11.98
C PHE A 285 -5.76 -15.84 -12.61
N GLY A 286 -5.78 -15.91 -13.93
CA GLY A 286 -6.85 -16.57 -14.69
C GLY A 286 -8.04 -15.73 -15.13
N ARG A 287 -8.11 -14.48 -14.66
CA ARG A 287 -9.33 -13.70 -14.79
C ARG A 287 -9.81 -13.52 -16.24
N THR A 288 -8.88 -13.44 -17.19
CA THR A 288 -9.23 -13.29 -18.59
C THR A 288 -9.27 -14.61 -19.36
N GLY A 289 -9.11 -15.74 -18.67
CA GLY A 289 -9.20 -17.02 -19.34
C GLY A 289 -7.84 -17.64 -19.65
N ALA A 290 -6.79 -16.84 -19.49
CA ALA A 290 -5.45 -17.37 -19.49
C ALA A 290 -4.90 -17.06 -18.11
N LEU A 291 -3.78 -17.68 -17.74
CA LEU A 291 -3.23 -17.47 -16.41
C LEU A 291 -2.88 -16.00 -16.21
N PHE A 292 -2.21 -15.43 -17.21
CA PHE A 292 -1.98 -14.00 -17.28
C PHE A 292 -2.37 -13.55 -18.69
N ALA A 293 -2.87 -12.33 -18.83
CA ALA A 293 -3.41 -11.91 -20.11
C ALA A 293 -2.32 -11.82 -21.18
N ALA A 294 -1.08 -11.58 -20.76
CA ALA A 294 0.04 -11.58 -21.69
C ALA A 294 0.04 -12.91 -22.49
N ASP A 295 -0.43 -13.99 -21.85
CA ASP A 295 -0.36 -15.33 -22.46
C ASP A 295 -1.22 -15.46 -23.71
N HIS A 296 -2.24 -14.63 -23.82
CA HIS A 296 -3.10 -14.58 -25.00
C HIS A 296 -2.31 -14.14 -26.22
N ALA A 297 -1.26 -13.36 -26.00
CA ALA A 297 -0.45 -12.86 -27.11
C ALA A 297 0.85 -13.63 -27.24
N GLY A 298 1.20 -14.39 -26.20
CA GLY A 298 2.46 -15.11 -26.16
C GLY A 298 3.64 -14.15 -26.10
N VAL A 299 3.50 -13.06 -25.35
CA VAL A 299 4.61 -12.13 -25.20
C VAL A 299 4.99 -11.97 -23.74
N SER A 300 6.25 -11.61 -23.52
CA SER A 300 6.75 -11.37 -22.18
C SER A 300 7.15 -9.92 -22.09
N PRO A 301 6.69 -9.21 -21.04
CA PRO A 301 7.12 -7.82 -20.86
C PRO A 301 8.47 -7.82 -20.15
N ASP A 302 9.08 -6.65 -19.99
CA ASP A 302 10.34 -6.61 -19.26
C ASP A 302 10.07 -6.55 -17.75
N ILE A 303 8.95 -5.93 -17.39
CA ILE A 303 8.52 -5.74 -16.02
C ILE A 303 7.03 -6.01 -15.94
N MET A 304 6.59 -6.51 -14.80
CA MET A 304 5.20 -6.94 -14.67
C MET A 304 4.72 -6.70 -13.23
N CYS A 305 3.46 -6.28 -13.11
CA CYS A 305 2.86 -6.01 -11.80
C CYS A 305 1.67 -6.92 -11.60
N VAL A 306 1.53 -7.44 -10.40
CA VAL A 306 0.39 -8.26 -10.01
C VAL A 306 -0.10 -7.77 -8.65
N GLY A 307 -1.35 -8.11 -8.31
CA GLY A 307 -1.96 -7.69 -7.05
C GLY A 307 -3.36 -8.26 -6.99
N LYS A 308 -4.28 -7.53 -6.37
CA LYS A 308 -5.68 -7.93 -6.27
C LYS A 308 -5.88 -9.42 -5.95
N ALA A 309 -6.01 -10.27 -6.96
CA ALA A 309 -6.35 -11.68 -6.73
C ALA A 309 -5.20 -12.48 -6.10
N LEU A 310 -4.04 -11.83 -5.97
CA LEU A 310 -2.81 -12.50 -5.54
C LEU A 310 -2.99 -13.24 -4.21
N THR A 311 -3.65 -12.58 -3.25
CA THR A 311 -3.92 -13.20 -1.95
C THR A 311 -5.29 -13.87 -1.85
N GLY A 312 -5.99 -14.03 -2.96
CA GLY A 312 -7.37 -14.52 -2.94
C GLY A 312 -8.31 -13.57 -2.21
N GLY A 313 -7.93 -12.30 -2.16
CA GLY A 313 -8.77 -11.27 -1.54
C GLY A 313 -8.81 -11.24 -0.02
N TYR A 314 -7.79 -11.81 0.61
CA TYR A 314 -7.69 -11.84 2.06
C TYR A 314 -7.00 -10.60 2.57
N LEU A 315 -5.88 -10.23 1.94
CA LEU A 315 -4.98 -9.23 2.48
C LEU A 315 -4.31 -8.45 1.35
N SER A 316 -3.99 -7.19 1.59
CA SER A 316 -3.30 -6.44 0.55
C SER A 316 -1.90 -6.99 0.33
N LEU A 317 -1.56 -7.23 -0.93
CA LEU A 317 -0.22 -7.61 -1.29
C LEU A 317 -0.10 -7.38 -2.78
N ALA A 318 1.07 -6.95 -3.21
CA ALA A 318 1.34 -6.81 -4.64
C ALA A 318 2.79 -7.18 -4.91
N ALA A 319 3.13 -7.35 -6.19
CA ALA A 319 4.48 -7.72 -6.57
C ALA A 319 4.84 -7.13 -7.92
N THR A 320 6.11 -6.76 -8.06
CA THR A 320 6.66 -6.32 -9.31
C THR A 320 7.75 -7.30 -9.73
N LEU A 321 7.60 -7.90 -10.91
CA LEU A 321 8.60 -8.80 -11.46
C LEU A 321 9.38 -8.10 -12.55
N CYS A 322 10.65 -8.46 -12.69
CA CYS A 322 11.43 -8.01 -13.82
C CYS A 322 12.37 -9.13 -14.29
N THR A 323 12.97 -8.93 -15.45
CA THR A 323 13.93 -9.86 -16.01
C THR A 323 15.29 -9.78 -15.29
N ALA A 324 16.14 -10.76 -15.56
CA ALA A 324 17.47 -10.79 -15.01
C ALA A 324 18.29 -9.62 -15.54
N ASP A 325 18.09 -9.27 -16.82
CA ASP A 325 18.81 -8.15 -17.41
C ASP A 325 18.42 -6.84 -16.73
N VAL A 326 17.14 -6.69 -16.40
CA VAL A 326 16.71 -5.48 -15.71
C VAL A 326 17.32 -5.43 -14.32
N ALA A 327 17.22 -6.54 -13.58
CA ALA A 327 17.78 -6.58 -12.23
C ALA A 327 19.28 -6.38 -12.18
N HIS A 328 20.01 -6.99 -13.10
CA HIS A 328 21.47 -6.89 -13.10
C HIS A 328 21.94 -5.49 -13.46
N THR A 329 21.27 -4.84 -14.41
CA THR A 329 21.68 -3.50 -14.84
C THR A 329 21.43 -2.52 -13.70
N ILE A 330 20.33 -2.68 -12.99
CA ILE A 330 20.05 -1.81 -11.85
C ILE A 330 21.08 -2.03 -10.74
N SER A 331 21.35 -3.29 -10.42
CA SER A 331 22.24 -3.60 -9.30
C SER A 331 23.72 -3.35 -9.62
N ALA A 332 24.08 -3.42 -10.91
CA ALA A 332 25.41 -3.05 -11.36
C ALA A 332 25.58 -1.53 -11.40
N GLY A 333 24.46 -0.82 -11.53
CA GLY A 333 24.47 0.64 -11.54
C GLY A 333 24.78 1.25 -10.18
N ALA A 334 24.91 2.57 -10.15
CA ALA A 334 25.20 3.26 -8.90
C ALA A 334 23.92 3.50 -8.09
N ALA A 335 23.70 2.63 -7.10
CA ALA A 335 22.55 2.78 -6.22
C ALA A 335 21.90 4.17 -6.41
N LEU A 338 16.74 1.19 -4.65
CA LEU A 338 15.49 1.24 -5.40
C LEU A 338 14.29 1.62 -4.52
N MET A 339 14.43 1.35 -3.21
CA MET A 339 13.37 1.60 -2.25
C MET A 339 14.04 1.39 -0.91
N ARG A 340 13.59 2.11 0.12
CA ARG A 340 14.09 1.88 1.47
C ARG A 340 13.20 0.86 2.20
N GLY A 341 11.90 0.97 1.94
CA GLY A 341 10.91 0.01 2.39
C GLY A 341 10.35 -0.70 1.17
N PRO A 342 9.03 -0.94 1.14
CA PRO A 342 8.05 -0.57 2.17
C PRO A 342 8.23 -1.33 3.48
N THR A 343 7.66 -0.78 4.55
CA THR A 343 7.83 -1.33 5.89
C THR A 343 7.39 -2.80 5.99
N PHE A 344 6.26 -3.11 5.38
CA PHE A 344 5.64 -4.43 5.48
C PHE A 344 5.96 -5.31 4.28
N MET A 345 6.99 -4.92 3.55
CA MET A 345 7.46 -5.68 2.40
C MET A 345 7.54 -7.18 2.69
N ALA A 346 6.89 -7.97 1.82
CA ALA A 346 6.93 -9.43 1.86
C ALA A 346 6.35 -10.01 3.15
N ASN A 347 5.38 -9.31 3.72
CA ASN A 347 4.68 -9.75 4.93
C ASN A 347 4.35 -11.25 4.88
N PRO A 348 4.89 -12.02 5.83
CA PRO A 348 4.66 -13.46 5.94
C PRO A 348 3.21 -13.89 5.89
N LEU A 349 2.33 -13.16 6.58
CA LEU A 349 0.92 -13.54 6.60
C LEU A 349 0.30 -13.40 5.21
N ALA A 350 0.52 -12.25 4.57
CA ALA A 350 -0.03 -12.01 3.26
C ALA A 350 0.61 -12.91 2.24
N CYS A 351 1.91 -13.17 2.39
CA CYS A 351 2.61 -14.10 1.48
C CYS A 351 2.10 -15.55 1.61
N ALA A 352 1.92 -16.01 2.85
CA ALA A 352 1.43 -17.38 3.10
C ALA A 352 0.04 -17.62 2.50
N VAL A 353 -0.90 -16.72 2.71
CA VAL A 353 -2.22 -16.90 2.13
C VAL A 353 -2.18 -16.89 0.59
N SER A 354 -1.30 -16.07 0.00
CA SER A 354 -1.10 -16.02 -1.45
C SER A 354 -0.56 -17.33 -1.99
N VAL A 355 0.42 -17.89 -1.31
CA VAL A 355 0.94 -19.20 -1.69
C VAL A 355 -0.25 -20.17 -1.76
N ALA A 356 -1.02 -20.26 -0.69
CA ALA A 356 -2.21 -21.12 -0.66
C ALA A 356 -3.18 -20.79 -1.79
N SER A 357 -3.47 -19.51 -1.99
CA SER A 357 -4.34 -19.09 -3.10
C SER A 357 -3.79 -19.47 -4.49
N VAL A 358 -2.49 -19.25 -4.71
CA VAL A 358 -1.89 -19.60 -5.99
C VAL A 358 -1.86 -21.11 -6.21
N GLU A 359 -1.46 -21.86 -5.19
CA GLU A 359 -1.47 -23.32 -5.28
C GLU A 359 -2.88 -23.91 -5.51
N LEU A 360 -3.88 -23.34 -4.83
CA LEU A 360 -5.29 -23.72 -5.00
C LEU A 360 -5.75 -23.56 -6.45
N LEU A 361 -5.32 -22.47 -7.08
CA LEU A 361 -5.66 -22.19 -8.48
C LEU A 361 -4.98 -23.20 -9.41
N LEU A 362 -3.70 -23.41 -9.20
CA LEU A 362 -2.87 -24.29 -10.03
C LEU A 362 -3.26 -25.75 -9.92
N GLY A 363 -3.83 -26.13 -8.78
CA GLY A 363 -4.07 -27.53 -8.48
C GLY A 363 -5.44 -27.98 -8.91
N GLN A 364 -6.09 -27.15 -9.72
CA GLN A 364 -7.39 -27.47 -10.26
C GLN A 364 -7.32 -27.16 -11.75
N ASP A 365 -8.30 -27.64 -12.51
CA ASP A 365 -8.36 -27.30 -13.93
C ASP A 365 -8.98 -25.91 -14.07
N TRP A 366 -8.18 -24.89 -13.78
CA TRP A 366 -8.67 -23.51 -13.73
C TRP A 366 -9.10 -23.05 -15.12
N ARG A 367 -8.47 -23.58 -16.16
CA ARG A 367 -8.81 -23.14 -17.52
C ARG A 367 -10.23 -23.52 -17.95
N THR A 368 -10.61 -24.77 -17.66
CA THR A 368 -11.97 -25.24 -17.91
C THR A 368 -12.97 -24.44 -17.08
N ARG A 369 -12.60 -24.17 -15.83
CA ARG A 369 -13.46 -23.44 -14.91
C ARG A 369 -13.74 -22.03 -15.42
N ILE A 370 -12.70 -21.37 -15.93
CA ILE A 370 -12.90 -20.00 -16.44
C ILE A 370 -13.71 -20.02 -17.74
N THR A 371 -13.42 -21.01 -18.59
CA THR A 371 -14.17 -21.18 -19.84
C THR A 371 -15.66 -21.40 -19.57
N GLU A 372 -15.98 -22.19 -18.55
CA GLU A 372 -17.40 -22.41 -18.17
C GLU A 372 -18.07 -21.14 -17.63
N LEU A 373 -17.34 -20.37 -16.83
CA LEU A 373 -17.87 -19.12 -16.30
C LEU A 373 -18.12 -18.11 -17.42
N ALA A 374 -17.19 -18.05 -18.38
CA ALA A 374 -17.34 -17.19 -19.53
C ALA A 374 -18.59 -17.58 -20.34
N ALA A 375 -18.78 -18.88 -20.55
CA ALA A 375 -19.98 -19.39 -21.24
C ALA A 375 -21.26 -19.02 -20.48
N GLY A 376 -21.23 -19.14 -19.16
CA GLY A 376 -22.36 -18.72 -18.33
C GLY A 376 -22.67 -17.23 -18.45
N LEU A 377 -21.63 -16.41 -18.41
CA LEU A 377 -21.78 -14.96 -18.52
C LEU A 377 -22.40 -14.58 -19.87
N THR A 378 -21.86 -15.16 -20.94
CA THR A 378 -22.34 -14.93 -22.31
C THR A 378 -23.82 -15.27 -22.48
N ALA A 379 -24.23 -16.46 -22.04
CA ALA A 379 -25.61 -16.90 -22.19
C ALA A 379 -26.52 -16.06 -21.32
N GLY A 380 -26.06 -15.74 -20.12
CA GLY A 380 -26.85 -14.95 -19.18
C GLY A 380 -27.06 -13.50 -19.57
N LEU A 381 -26.10 -12.94 -20.32
CA LEU A 381 -26.17 -11.53 -20.68
C LEU A 381 -26.74 -11.26 -22.08
N ASP A 382 -26.93 -12.32 -22.86
CA ASP A 382 -27.38 -12.17 -24.24
C ASP A 382 -28.66 -11.32 -24.38
N THR A 383 -29.63 -11.59 -23.52
CA THR A 383 -30.90 -10.87 -23.50
C THR A 383 -30.73 -9.35 -23.33
N ALA A 384 -29.66 -8.93 -22.67
CA ALA A 384 -29.42 -7.50 -22.44
C ALA A 384 -29.19 -6.73 -23.74
N ARG A 385 -28.75 -7.40 -24.79
CA ARG A 385 -28.46 -6.73 -26.07
C ARG A 385 -29.67 -5.99 -26.66
N ALA A 386 -30.85 -6.55 -26.48
CA ALA A 386 -32.07 -6.01 -27.07
C ALA A 386 -32.65 -4.86 -26.25
N LEU A 387 -32.06 -4.59 -25.07
CA LEU A 387 -32.57 -3.56 -24.17
C LEU A 387 -32.28 -2.15 -24.70
N PRO A 388 -33.23 -1.21 -24.53
CA PRO A 388 -33.08 0.11 -25.15
C PRO A 388 -31.85 0.91 -24.73
N ALA A 389 -31.48 0.85 -23.45
CA ALA A 389 -30.35 1.64 -22.94
C ALA A 389 -28.99 0.93 -23.03
N VAL A 390 -28.97 -0.27 -23.60
CA VAL A 390 -27.74 -1.05 -23.71
C VAL A 390 -27.02 -0.86 -25.04
N THR A 391 -25.76 -0.46 -25.00
CA THR A 391 -25.00 -0.20 -26.24
C THR A 391 -24.07 -1.35 -26.64
N ASP A 392 -23.64 -2.14 -25.66
CA ASP A 392 -22.78 -3.30 -25.92
C ASP A 392 -22.91 -4.31 -24.78
N VAL A 393 -22.76 -5.59 -25.11
CA VAL A 393 -22.58 -6.63 -24.12
C VAL A 393 -21.31 -7.34 -24.51
N ARG A 394 -20.39 -7.53 -23.58
CA ARG A 394 -19.14 -8.19 -23.90
C ARG A 394 -18.60 -9.01 -22.74
N VAL A 395 -17.89 -10.08 -23.08
CA VAL A 395 -17.37 -11.02 -22.10
C VAL A 395 -15.94 -11.40 -22.46
N CYS A 396 -15.05 -11.36 -21.46
CA CYS A 396 -13.70 -11.89 -21.62
C CYS A 396 -13.35 -12.74 -20.41
N GLY A 397 -13.26 -14.05 -20.59
CA GLY A 397 -13.00 -14.91 -19.45
C GLY A 397 -14.08 -14.70 -18.40
N ALA A 398 -13.67 -14.52 -17.14
CA ALA A 398 -14.62 -14.31 -16.06
C ALA A 398 -14.94 -12.84 -15.83
N ILE A 399 -15.18 -12.14 -16.93
CA ILE A 399 -15.51 -10.71 -16.90
C ILE A 399 -16.73 -10.51 -17.78
N GLY A 400 -17.81 -9.99 -17.21
CA GLY A 400 -19.04 -9.79 -17.96
C GLY A 400 -19.49 -8.35 -17.93
N VAL A 401 -19.74 -7.77 -19.10
CA VAL A 401 -19.97 -6.33 -19.19
C VAL A 401 -21.23 -5.93 -19.98
N ILE A 402 -22.08 -5.12 -19.35
CA ILE A 402 -23.17 -4.45 -20.06
C ILE A 402 -22.87 -2.96 -20.12
N GLU A 403 -22.57 -2.48 -21.33
CA GLU A 403 -22.32 -1.06 -21.51
C GLU A 403 -23.62 -0.35 -21.90
N CYS A 404 -23.92 0.72 -21.17
CA CYS A 404 -25.17 1.44 -21.30
C CYS A 404 -24.96 2.81 -21.96
N ASP A 405 -26.07 3.45 -22.33
CA ASP A 405 -26.02 4.67 -23.10
C ASP A 405 -26.00 5.93 -22.22
N ARG A 406 -25.98 5.72 -20.91
CA ARG A 406 -25.87 6.80 -19.93
C ARG A 406 -25.18 6.25 -18.69
N PRO A 407 -24.72 7.16 -17.80
CA PRO A 407 -24.19 6.77 -16.49
C PRO A 407 -25.22 5.98 -15.70
N VAL A 408 -24.76 4.93 -15.03
CA VAL A 408 -25.68 4.15 -14.19
C VAL A 408 -25.93 4.84 -12.86
N ASP A 409 -27.20 5.01 -12.52
CA ASP A 409 -27.61 5.62 -11.27
C ASP A 409 -27.57 4.56 -10.17
N LEU A 410 -26.56 4.69 -9.31
CA LEU A 410 -26.31 3.79 -8.20
C LEU A 410 -27.49 3.70 -7.20
N ALA A 411 -28.22 4.78 -6.98
CA ALA A 411 -29.37 4.74 -6.08
C ALA A 411 -30.52 3.91 -6.65
N VAL A 412 -30.44 3.62 -7.94
CA VAL A 412 -31.41 2.77 -8.58
C VAL A 412 -30.83 1.36 -8.68
N ALA A 413 -29.60 1.29 -9.16
CA ALA A 413 -28.95 0.01 -9.44
C ALA A 413 -28.79 -0.85 -8.19
N THR A 414 -28.31 -0.24 -7.11
CA THR A 414 -27.93 -1.00 -5.91
C THR A 414 -29.08 -1.79 -5.26
N PRO A 415 -30.17 -1.11 -4.88
CA PRO A 415 -31.32 -1.79 -4.31
C PRO A 415 -31.96 -2.78 -5.27
N ALA A 416 -31.94 -2.50 -6.57
CA ALA A 416 -32.50 -3.42 -7.55
C ALA A 416 -31.69 -4.71 -7.61
N ALA A 417 -30.37 -4.61 -7.54
CA ALA A 417 -29.58 -5.84 -7.56
C ALA A 417 -29.76 -6.58 -6.22
N LEU A 418 -29.82 -5.84 -5.12
CA LEU A 418 -29.98 -6.45 -3.80
C LEU A 418 -31.34 -7.15 -3.68
N ASP A 419 -32.39 -6.55 -4.26
CA ASP A 419 -33.72 -7.17 -4.35
C ASP A 419 -33.63 -8.50 -5.07
N ARG A 420 -32.58 -8.69 -5.86
CA ARG A 420 -32.40 -9.89 -6.66
C ARG A 420 -31.30 -10.81 -6.11
N GLY A 421 -30.89 -10.58 -4.86
CA GLY A 421 -29.89 -11.44 -4.20
C GLY A 421 -28.46 -11.29 -4.68
N VAL A 422 -28.10 -10.11 -5.18
CA VAL A 422 -26.77 -9.93 -5.78
C VAL A 422 -26.23 -8.57 -5.38
N TRP A 423 -24.95 -8.56 -5.01
CA TRP A 423 -24.22 -7.33 -4.81
C TRP A 423 -23.50 -6.93 -6.11
N LEU A 424 -23.95 -5.84 -6.71
CA LEU A 424 -23.34 -5.31 -7.93
C LEU A 424 -22.96 -3.89 -7.64
N ARG A 425 -21.82 -3.49 -8.16
CA ARG A 425 -21.40 -2.11 -8.08
C ARG A 425 -21.01 -1.60 -9.47
N PRO A 426 -21.97 -0.97 -10.17
CA PRO A 426 -21.67 -0.33 -11.45
C PRO A 426 -20.73 0.86 -11.26
N PHE A 427 -20.03 1.24 -12.31
CA PHE A 427 -19.36 2.55 -12.35
C PHE A 427 -19.50 3.13 -13.75
N ARG A 428 -19.53 4.45 -13.85
CA ARG A 428 -19.83 5.12 -15.10
C ARG A 428 -21.07 4.50 -15.77
N ASN A 429 -20.96 4.16 -17.06
CA ASN A 429 -22.10 3.57 -17.76
C ASN A 429 -22.05 2.05 -17.85
N LEU A 430 -21.33 1.42 -16.91
CA LEU A 430 -21.09 -0.02 -16.98
C LEU A 430 -21.78 -0.82 -15.87
N VAL A 431 -22.57 -1.80 -16.28
CA VAL A 431 -23.03 -2.86 -15.39
C VAL A 431 -22.20 -4.14 -15.69
N TYR A 432 -21.39 -4.55 -14.72
CA TYR A 432 -20.40 -5.58 -14.99
C TYR A 432 -20.19 -6.46 -13.77
N ALA A 433 -19.67 -7.65 -14.03
CA ALA A 433 -19.34 -8.59 -12.96
C ALA A 433 -17.98 -9.22 -13.18
N MET A 434 -17.35 -9.60 -12.08
CA MET A 434 -16.11 -10.37 -12.08
C MET A 434 -16.29 -11.34 -10.94
N PRO A 435 -17.06 -12.42 -11.17
CA PRO A 435 -17.48 -13.31 -10.10
C PRO A 435 -16.37 -14.23 -9.58
N PRO A 436 -16.51 -14.68 -8.33
CA PRO A 436 -15.61 -15.70 -7.81
C PRO A 436 -15.55 -16.89 -8.75
N TYR A 437 -14.41 -17.57 -8.82
CA TYR A 437 -14.30 -18.72 -9.72
C TYR A 437 -15.14 -19.89 -9.21
N ILE A 438 -15.49 -19.85 -7.91
CA ILE A 438 -16.28 -20.92 -7.29
C ILE A 438 -17.78 -20.81 -7.50
N CYS A 439 -18.24 -19.79 -8.23
CA CYS A 439 -19.68 -19.66 -8.50
C CYS A 439 -20.21 -20.83 -9.32
N THR A 440 -21.34 -21.37 -8.88
CA THR A 440 -21.96 -22.47 -9.63
C THR A 440 -22.64 -21.85 -10.85
N PRO A 441 -22.90 -22.70 -11.88
CA PRO A 441 -23.67 -22.26 -13.03
C PRO A 441 -24.95 -21.52 -12.65
N ALA A 442 -25.63 -21.97 -11.60
CA ALA A 442 -26.87 -21.33 -11.15
C ALA A 442 -26.63 -19.95 -10.54
N GLU A 443 -25.52 -19.82 -9.82
CA GLU A 443 -25.16 -18.56 -9.21
C GLU A 443 -24.79 -17.56 -10.29
N ILE A 444 -24.03 -18.01 -11.28
CA ILE A 444 -23.67 -17.17 -12.42
C ILE A 444 -24.89 -16.60 -13.12
N THR A 445 -25.86 -17.46 -13.41
CA THR A 445 -27.12 -16.99 -14.03
C THR A 445 -27.92 -16.11 -13.09
N GLN A 446 -27.81 -16.33 -11.78
CA GLN A 446 -28.45 -15.43 -10.84
C GLN A 446 -27.82 -14.03 -10.94
N ILE A 447 -26.49 -13.98 -11.07
CA ILE A 447 -25.76 -12.72 -11.24
C ILE A 447 -26.15 -12.01 -12.55
N THR A 448 -26.09 -12.73 -13.66
CA THR A 448 -26.40 -12.15 -14.97
C THR A 448 -27.84 -11.68 -15.05
N SER A 449 -28.73 -12.45 -14.44
CA SER A 449 -30.14 -12.08 -14.39
C SER A 449 -30.33 -10.75 -13.65
N ALA A 450 -29.63 -10.55 -12.54
CA ALA A 450 -29.69 -9.28 -11.83
C ALA A 450 -29.06 -8.14 -12.64
N MET A 451 -28.02 -8.46 -13.43
CA MET A 451 -27.38 -7.45 -14.27
C MET A 451 -28.32 -6.97 -15.37
N VAL A 452 -28.94 -7.91 -16.06
CA VAL A 452 -29.99 -7.59 -17.05
C VAL A 452 -31.09 -6.73 -16.43
N GLU A 453 -31.59 -7.15 -15.27
CA GLU A 453 -32.61 -6.37 -14.56
C GLU A 453 -32.15 -4.94 -14.20
N VAL A 454 -30.89 -4.77 -13.81
CA VAL A 454 -30.37 -3.44 -13.52
C VAL A 454 -30.33 -2.59 -14.79
N ALA A 455 -29.81 -3.17 -15.87
CA ALA A 455 -29.78 -2.52 -17.19
C ALA A 455 -31.17 -2.16 -17.72
N ARG A 456 -32.15 -3.03 -17.49
CA ARG A 456 -33.52 -2.74 -17.91
C ARG A 456 -34.02 -1.45 -17.25
N LEU A 457 -33.75 -1.30 -15.96
CA LEU A 457 -34.18 -0.12 -15.21
C LEU A 457 -33.44 1.16 -15.61
N VAL A 458 -32.31 1.02 -16.29
CA VAL A 458 -31.47 2.17 -16.68
C VAL A 458 -32.08 3.26 -17.60
N GLY A 459 -32.64 2.96 -18.77
CA GLY A 459 -33.32 1.72 -19.11
C GLY A 459 -34.75 2.23 -19.31
N SER A 460 -35.56 2.10 -18.26
CA SER A 460 -36.87 2.74 -18.19
C SER A 460 -37.43 2.54 -16.79
N LEU A 461 -37.36 3.56 -15.91
CA LEU A 461 -36.59 4.80 -16.09
C LEU A 461 -37.07 5.85 -15.07
N PRO A 462 -38.30 6.38 -15.24
CA PRO A 462 -39.01 7.00 -14.13
C PRO A 462 -40.05 6.05 -13.53
N GLY B 31 7.44 -25.71 -1.30
CA GLY B 31 6.25 -26.40 -0.73
C GLY B 31 6.44 -26.83 0.71
N GLY B 32 7.40 -26.19 1.39
CA GLY B 32 7.83 -26.57 2.74
C GLY B 32 9.34 -26.58 2.81
N LEU B 33 9.92 -25.38 2.76
CA LEU B 33 11.36 -25.18 2.47
C LEU B 33 12.33 -25.27 3.65
N THR B 34 13.51 -25.78 3.37
CA THR B 34 14.58 -25.86 4.35
C THR B 34 15.29 -24.49 4.35
N PRO B 35 16.01 -24.14 5.44
CA PRO B 35 16.68 -22.83 5.42
C PRO B 35 17.69 -22.64 4.28
N GLU B 36 18.39 -23.70 3.90
CA GLU B 36 19.32 -23.63 2.78
C GLU B 36 18.59 -23.39 1.46
N GLN B 37 17.41 -23.98 1.32
CA GLN B 37 16.57 -23.80 0.14
C GLN B 37 15.96 -22.40 0.11
N ILE B 38 15.60 -21.87 1.28
CA ILE B 38 15.07 -20.51 1.35
C ILE B 38 16.11 -19.55 0.78
N ILE B 39 17.35 -19.72 1.22
CA ILE B 39 18.46 -18.87 0.79
C ILE B 39 18.75 -18.96 -0.70
N ALA B 40 18.74 -20.17 -1.25
CA ALA B 40 18.92 -20.38 -2.68
C ALA B 40 17.78 -19.71 -3.48
N VAL B 41 16.55 -19.87 -3.01
CA VAL B 41 15.42 -19.28 -3.73
C VAL B 41 15.48 -17.75 -3.62
N ASP B 42 15.72 -17.25 -2.41
CA ASP B 42 15.87 -15.84 -2.18
C ASP B 42 16.99 -15.23 -3.04
N GLY B 43 18.15 -15.89 -3.03
CA GLY B 43 19.31 -15.46 -3.83
C GLY B 43 19.01 -15.35 -5.30
N ALA B 44 18.22 -16.28 -5.82
CA ALA B 44 17.93 -16.28 -7.25
C ALA B 44 16.78 -15.33 -7.64
N HIS B 45 15.79 -15.16 -6.76
CA HIS B 45 14.53 -14.51 -7.19
C HIS B 45 13.97 -13.39 -6.30
N LEU B 46 14.61 -13.05 -5.19
CA LEU B 46 14.03 -12.02 -4.32
C LEU B 46 14.83 -10.71 -4.27
N TRP B 47 14.13 -9.60 -4.46
CA TRP B 47 14.72 -8.28 -4.24
C TRP B 47 14.53 -7.92 -2.78
N HIS B 48 15.57 -7.42 -2.13
CA HIS B 48 15.44 -6.85 -0.80
C HIS B 48 15.67 -5.33 -0.86
N PRO B 49 15.26 -4.60 0.17
CA PRO B 49 15.51 -3.16 0.27
C PRO B 49 17.01 -2.79 0.24
N SER B 59 23.86 -11.10 2.02
CA SER B 59 23.00 -12.27 2.10
C SER B 59 22.11 -12.21 3.35
N PRO B 60 20.77 -12.24 3.16
CA PRO B 60 19.84 -12.12 4.29
C PRO B 60 19.94 -13.30 5.26
N VAL B 61 19.49 -13.09 6.49
CA VAL B 61 19.43 -14.17 7.47
C VAL B 61 18.02 -14.75 7.45
N VAL B 62 17.91 -16.08 7.46
CA VAL B 62 16.60 -16.74 7.46
C VAL B 62 15.93 -16.68 8.83
N ALA B 63 14.74 -16.07 8.86
CA ALA B 63 13.86 -16.10 10.04
C ALA B 63 12.86 -17.25 9.91
N VAL B 64 12.71 -18.02 10.97
CA VAL B 64 11.82 -19.16 10.93
C VAL B 64 10.67 -19.02 11.90
N ALA B 65 10.79 -18.08 12.84
CA ALA B 65 9.73 -17.87 13.84
C ALA B 65 9.86 -16.51 14.49
N ALA B 66 8.80 -16.07 15.15
CA ALA B 66 8.85 -14.86 15.96
C ALA B 66 7.80 -14.99 17.04
N HIS B 67 8.19 -14.67 18.27
CA HIS B 67 7.24 -14.64 19.35
CA HIS B 67 7.28 -14.75 19.41
C HIS B 67 7.73 -13.73 20.46
N GLY B 68 6.80 -12.89 20.92
CA GLY B 68 7.13 -11.85 21.88
C GLY B 68 8.16 -10.91 21.27
N ALA B 69 9.20 -10.61 22.04
CA ALA B 69 10.25 -9.68 21.59
C ALA B 69 11.40 -10.41 20.89
N TRP B 70 11.21 -11.70 20.62
CA TRP B 70 12.28 -12.57 20.15
C TRP B 70 12.04 -13.12 18.75
N LEU B 71 13.10 -13.15 17.95
CA LEU B 71 13.05 -13.75 16.64
C LEU B 71 13.83 -15.05 16.69
N THR B 72 13.37 -16.05 15.94
CA THR B 72 14.16 -17.26 15.78
C THR B 72 14.79 -17.18 14.41
N LEU B 73 16.12 -17.02 14.41
CA LEU B 73 16.90 -16.85 13.19
C LEU B 73 17.85 -18.02 13.01
N ILE B 74 18.22 -18.29 11.77
CA ILE B 74 19.15 -19.38 11.47
C ILE B 74 20.58 -18.84 11.33
N ARG B 75 21.46 -19.29 12.21
CA ARG B 75 22.87 -18.93 12.19
C ARG B 75 23.73 -20.20 12.24
N ASP B 76 24.64 -20.34 11.28
CA ASP B 76 25.39 -21.58 11.05
C ASP B 76 24.53 -22.83 11.20
N GLY B 77 23.44 -22.88 10.43
CA GLY B 77 22.53 -24.03 10.42
C GLY B 77 21.52 -24.14 11.55
N GLN B 78 21.71 -23.36 12.60
CA GLN B 78 21.02 -23.55 13.88
C GLN B 78 19.96 -22.51 14.14
N PRO B 79 18.80 -22.93 14.64
CA PRO B 79 17.81 -21.93 14.98
C PRO B 79 18.16 -21.31 16.32
N ILE B 80 18.39 -20.01 16.33
CA ILE B 80 18.71 -19.31 17.57
C ILE B 80 17.71 -18.20 17.79
N GLU B 81 17.41 -17.91 19.05
CA GLU B 81 16.52 -16.81 19.40
C GLU B 81 17.32 -15.54 19.69
N VAL B 82 16.90 -14.43 19.09
CA VAL B 82 17.53 -13.12 19.31
C VAL B 82 16.46 -12.05 19.52
N LEU B 83 16.80 -11.00 20.27
CA LEU B 83 15.90 -9.87 20.50
C LEU B 83 15.63 -9.04 19.23
N ASP B 84 14.35 -8.77 18.97
CA ASP B 84 13.94 -7.84 17.90
C ASP B 84 14.11 -6.40 18.41
N ALA B 85 15.34 -5.92 18.42
CA ALA B 85 15.66 -4.61 18.99
C ALA B 85 15.08 -3.46 18.14
N MET B 86 14.76 -3.77 16.90
CA MET B 86 14.18 -2.81 15.94
C MET B 86 12.65 -2.84 15.95
N SER B 87 12.05 -3.79 16.67
CA SER B 87 10.61 -4.05 16.59
C SER B 87 10.17 -4.29 15.15
N SER B 88 11.06 -4.88 14.34
CA SER B 88 10.76 -5.17 12.93
C SER B 88 10.39 -3.89 12.17
N TRP B 89 11.34 -2.96 12.13
CA TRP B 89 11.10 -1.65 11.53
C TRP B 89 9.96 -0.90 12.20
N TRP B 90 9.97 -0.94 13.53
CA TRP B 90 9.20 -0.05 14.39
C TRP B 90 7.72 -0.40 14.45
N THR B 91 7.38 -1.65 14.18
CA THR B 91 5.96 -2.05 14.10
C THR B 91 5.48 -2.94 15.26
N ALA B 92 6.38 -3.79 15.78
CA ALA B 92 6.00 -4.84 16.75
C ALA B 92 5.95 -4.35 18.19
N ILE B 93 5.09 -3.38 18.48
CA ILE B 93 5.11 -2.71 19.78
C ILE B 93 4.70 -3.60 20.98
N HIS B 94 3.84 -4.59 20.73
CA HIS B 94 3.39 -5.51 21.78
C HIS B 94 4.09 -6.83 21.57
N GLY B 95 5.11 -6.83 20.72
CA GLY B 95 5.78 -8.04 20.36
C GLY B 95 4.99 -8.84 19.33
N HIS B 96 5.63 -9.88 18.82
CA HIS B 96 5.05 -10.78 17.86
C HIS B 96 4.17 -11.81 18.52
N GLY B 97 3.13 -12.22 17.82
CA GLY B 97 2.30 -13.33 18.28
C GLY B 97 1.71 -13.07 19.66
N HIS B 98 1.31 -11.84 19.91
CA HIS B 98 0.61 -11.52 21.15
C HIS B 98 -0.77 -12.18 21.18
N PRO B 99 -1.06 -12.93 22.25
CA PRO B 99 -2.29 -13.72 22.26
C PRO B 99 -3.56 -12.94 21.94
N ALA B 100 -3.63 -11.69 22.39
CA ALA B 100 -4.80 -10.82 22.17
C ALA B 100 -4.93 -10.39 20.73
N LEU B 101 -3.80 -10.16 20.06
CA LEU B 101 -3.84 -9.72 18.68
C LEU B 101 -4.04 -10.91 17.74
N ASP B 102 -3.41 -12.04 18.06
CA ASP B 102 -3.60 -13.27 17.30
C ASP B 102 -5.08 -13.64 17.32
N GLN B 103 -5.65 -13.51 18.51
CA GLN B 103 -7.03 -13.88 18.74
C GLN B 103 -7.99 -12.97 17.97
N ALA B 104 -7.67 -11.68 17.90
CA ALA B 104 -8.49 -10.74 17.16
C ALA B 104 -8.56 -11.12 15.68
N LEU B 105 -7.43 -11.54 15.13
CA LEU B 105 -7.34 -12.02 13.76
C LEU B 105 -8.11 -13.31 13.53
N THR B 106 -7.90 -14.31 14.39
CA THR B 106 -8.62 -15.59 14.25
C THR B 106 -10.13 -15.42 14.41
N THR B 107 -10.55 -14.56 15.33
CA THR B 107 -11.96 -14.21 15.45
C THR B 107 -12.56 -13.63 14.15
N GLN B 108 -11.87 -12.66 13.55
CA GLN B 108 -12.41 -11.95 12.39
C GLN B 108 -12.50 -12.84 11.14
N LEU B 109 -11.50 -13.71 10.99
CA LEU B 109 -11.34 -14.59 9.84
C LEU B 109 -12.50 -15.55 9.73
N ARG B 110 -13.03 -15.94 10.88
CA ARG B 110 -14.14 -16.86 10.96
C ARG B 110 -15.43 -16.21 10.47
N VAL B 111 -15.48 -14.87 10.51
CA VAL B 111 -16.69 -14.12 10.18
C VAL B 111 -16.63 -13.46 8.79
N MET B 112 -15.53 -12.78 8.49
CA MET B 112 -15.40 -12.10 7.22
C MET B 112 -13.96 -11.63 7.01
N ASN B 113 -13.31 -12.22 6.01
CA ASN B 113 -11.93 -11.89 5.71
C ASN B 113 -11.82 -10.49 5.14
N HIS B 114 -12.70 -10.17 4.19
CA HIS B 114 -12.62 -8.90 3.48
C HIS B 114 -13.80 -8.65 2.58
N VAL B 115 -14.28 -7.41 2.57
CA VAL B 115 -15.20 -6.93 1.52
C VAL B 115 -14.73 -5.60 1.00
N MET B 116 -15.22 -5.23 -0.18
CA MET B 116 -14.82 -3.98 -0.80
C MET B 116 -15.45 -2.80 -0.07
N PHE B 117 -14.72 -1.70 0.03
CA PHE B 117 -15.14 -0.57 0.84
C PHE B 117 -15.88 0.45 -0.01
N GLY B 118 -16.07 0.09 -1.28
CA GLY B 118 -16.91 0.86 -2.19
C GLY B 118 -18.36 0.44 -2.05
N GLY B 119 -19.10 1.19 -1.23
CA GLY B 119 -20.54 0.98 -1.06
C GLY B 119 -20.91 0.10 0.10
N LEU B 120 -19.90 -0.45 0.79
CA LEU B 120 -20.11 -1.29 1.97
C LEU B 120 -19.31 -0.73 3.12
N THR B 121 -19.79 -0.97 4.34
CA THR B 121 -19.00 -0.68 5.52
C THR B 121 -19.03 -1.88 6.46
N HIS B 122 -18.26 -1.83 7.53
CA HIS B 122 -18.19 -2.98 8.42
C HIS B 122 -17.69 -2.61 9.80
N GLU B 123 -17.80 -3.56 10.72
CA GLU B 123 -17.56 -3.30 12.13
C GLU B 123 -16.09 -3.02 12.50
N PRO B 124 -15.14 -3.83 11.99
CA PRO B 124 -13.73 -3.48 12.26
C PRO B 124 -13.34 -2.06 11.77
N ALA B 125 -13.83 -1.65 10.60
CA ALA B 125 -13.56 -0.27 10.14
C ALA B 125 -14.17 0.77 11.08
N ALA B 126 -15.41 0.55 11.48
CA ALA B 126 -16.11 1.48 12.36
C ALA B 126 -15.43 1.55 13.74
N ARG B 127 -15.17 0.38 14.32
CA ARG B 127 -14.48 0.30 15.60
C ARG B 127 -13.13 1.02 15.59
N LEU B 128 -12.34 0.81 14.53
CA LEU B 128 -11.00 1.41 14.40
C LEU B 128 -11.05 2.92 14.18
N ALA B 129 -11.93 3.37 13.29
CA ALA B 129 -12.10 4.79 13.01
C ALA B 129 -12.52 5.54 14.27
N LYS B 130 -13.38 4.91 15.06
CA LYS B 130 -13.83 5.49 16.32
C LYS B 130 -12.69 5.60 17.33
N LEU B 131 -11.95 4.52 17.54
CA LEU B 131 -10.76 4.57 18.40
C LEU B 131 -9.80 5.66 17.96
N LEU B 132 -9.51 5.73 16.65
CA LEU B 132 -8.50 6.66 16.15
C LEU B 132 -8.93 8.10 16.33
N VAL B 133 -10.19 8.39 16.03
CA VAL B 133 -10.72 9.73 16.25
C VAL B 133 -10.62 10.13 17.73
N ASP B 134 -10.85 9.19 18.63
CA ASP B 134 -10.82 9.47 20.06
C ASP B 134 -9.41 9.69 20.62
N ILE B 135 -8.43 8.96 20.11
CA ILE B 135 -7.10 9.02 20.72
C ILE B 135 -6.12 10.01 20.06
N THR B 136 -6.47 10.53 18.90
CA THR B 136 -5.58 11.45 18.19
C THR B 136 -5.86 12.87 18.62
N PRO B 137 -4.90 13.78 18.37
CA PRO B 137 -5.08 15.18 18.75
C PRO B 137 -6.49 15.71 18.38
N ALA B 138 -7.04 16.57 19.24
CA ALA B 138 -8.45 17.02 19.12
C ALA B 138 -8.73 17.70 17.79
N GLY B 139 -9.89 17.40 17.20
CA GLY B 139 -10.29 18.02 15.94
C GLY B 139 -10.20 17.11 14.73
N LEU B 140 -9.43 16.03 14.84
CA LEU B 140 -9.30 15.06 13.75
C LEU B 140 -10.46 14.09 13.83
N ASP B 141 -11.45 14.25 12.96
CA ASP B 141 -12.67 13.46 13.10
C ASP B 141 -13.06 12.61 11.88
N THR B 142 -12.23 12.63 10.85
CA THR B 142 -12.47 11.85 9.64
C THR B 142 -11.27 10.94 9.30
N VAL B 143 -11.56 9.69 8.96
CA VAL B 143 -10.51 8.70 8.78
C VAL B 143 -10.57 8.11 7.37
N PHE B 144 -9.45 8.17 6.67
CA PHE B 144 -9.32 7.52 5.36
C PHE B 144 -8.24 6.44 5.44
N PHE B 145 -8.65 5.17 5.39
CA PHE B 145 -7.71 4.05 5.44
C PHE B 145 -6.99 3.76 4.12
N SER B 146 -5.73 3.35 4.22
CA SER B 146 -4.96 2.86 3.06
C SER B 146 -4.05 1.70 3.49
N ASP B 147 -3.25 1.18 2.57
CA ASP B 147 -2.48 -0.05 2.83
C ASP B 147 -1.03 0.19 3.22
N SER B 148 -0.56 1.42 3.12
CA SER B 148 0.82 1.71 3.50
C SER B 148 1.02 3.16 3.89
N GLY B 149 2.08 3.39 4.66
CA GLY B 149 2.38 4.72 5.16
C GLY B 149 2.60 5.68 4.00
N SER B 150 3.32 5.23 2.99
CA SER B 150 3.68 6.12 1.90
C SER B 150 2.42 6.55 1.14
N VAL B 151 1.48 5.63 0.98
CA VAL B 151 0.18 5.95 0.40
C VAL B 151 -0.65 6.88 1.28
N SER B 152 -0.61 6.68 2.59
CA SER B 152 -1.38 7.56 3.47
C SER B 152 -0.87 9.00 3.36
N VAL B 153 0.41 9.15 3.03
CA VAL B 153 1.02 10.46 2.85
C VAL B 153 0.58 11.11 1.54
N GLU B 154 0.49 10.32 0.48
CA GLU B 154 -0.07 10.82 -0.78
C GLU B 154 -1.54 11.21 -0.62
N VAL B 155 -2.29 10.41 0.14
CA VAL B 155 -3.68 10.76 0.45
C VAL B 155 -3.77 12.10 1.22
N ALA B 156 -2.84 12.32 2.13
CA ALA B 156 -2.80 13.58 2.87
C ALA B 156 -2.56 14.74 1.92
N ALA B 157 -1.64 14.56 0.98
CA ALA B 157 -1.34 15.58 -0.02
C ALA B 157 -2.53 15.85 -0.92
N LYS B 158 -3.28 14.79 -1.26
CA LYS B 158 -4.47 14.96 -2.09
C LYS B 158 -5.59 15.71 -1.36
N MET B 159 -5.75 15.42 -0.06
CA MET B 159 -6.67 16.19 0.77
C MET B 159 -6.30 17.66 0.78
N ALA B 160 -5.03 17.97 1.00
CA ALA B 160 -4.59 19.37 1.05
C ALA B 160 -4.79 20.07 -0.29
N LEU B 161 -4.46 19.40 -1.39
CA LEU B 161 -4.67 20.02 -2.70
C LEU B 161 -6.17 20.23 -3.00
N GLN B 162 -6.98 19.20 -2.80
CA GLN B 162 -8.40 19.31 -3.02
C GLN B 162 -9.03 20.29 -2.05
N TYR B 163 -8.45 20.41 -0.85
CA TYR B 163 -8.97 21.39 0.11
C TYR B 163 -8.94 22.80 -0.46
N TRP B 164 -7.76 23.24 -0.89
CA TRP B 164 -7.61 24.61 -1.37
C TRP B 164 -8.37 24.86 -2.68
N ARG B 165 -8.48 23.85 -3.54
CA ARG B 165 -9.37 23.98 -4.70
C ARG B 165 -10.80 24.26 -4.26
N GLY B 166 -11.24 23.58 -3.20
CA GLY B 166 -12.59 23.77 -2.65
C GLY B 166 -12.77 25.12 -1.97
N ARG B 167 -11.65 25.78 -1.68
CA ARG B 167 -11.66 27.12 -1.10
C ARG B 167 -11.54 28.15 -2.22
N GLY B 168 -11.51 27.66 -3.46
CA GLY B 168 -11.32 28.53 -4.63
C GLY B 168 -9.92 29.07 -4.74
N LEU B 169 -8.94 28.32 -4.24
CA LEU B 169 -7.52 28.73 -4.30
C LEU B 169 -6.61 27.66 -4.89
N PRO B 170 -6.81 27.33 -6.18
CA PRO B 170 -6.12 26.21 -6.85
C PRO B 170 -4.64 26.45 -7.09
N GLY B 171 -4.15 27.65 -6.84
CA GLY B 171 -2.73 27.92 -6.95
C GLY B 171 -1.96 27.44 -5.73
N LYS B 172 -2.68 26.96 -4.71
CA LYS B 172 -2.04 26.44 -3.49
C LYS B 172 -1.82 24.95 -3.64
N ARG B 173 -0.64 24.60 -4.11
CA ARG B 173 -0.37 23.30 -4.70
C ARG B 173 0.96 22.70 -4.24
N ARG B 174 1.85 23.51 -3.70
CA ARG B 174 3.17 23.02 -3.27
C ARG B 174 3.21 22.60 -1.79
N LEU B 175 4.19 21.80 -1.44
CA LEU B 175 4.39 21.41 -0.04
C LEU B 175 5.62 22.08 0.45
N MET B 176 5.65 22.29 1.77
CA MET B 176 6.82 22.77 2.47
C MET B 176 7.16 21.81 3.61
N THR B 177 8.46 21.55 3.80
CA THR B 177 8.93 20.78 4.94
C THR B 177 10.28 21.32 5.41
N TRP B 178 10.90 20.65 6.36
CA TRP B 178 12.25 20.98 6.75
C TRP B 178 13.16 19.82 6.41
N ARG B 179 14.45 20.09 6.29
CA ARG B 179 15.40 19.03 5.93
C ARG B 179 15.48 17.93 6.97
N GLY B 180 15.97 16.78 6.55
CA GLY B 180 16.13 15.63 7.42
C GLY B 180 14.94 14.69 7.54
N GLY B 181 13.88 14.94 6.76
CA GLY B 181 12.66 14.17 6.89
C GLY B 181 12.58 12.92 6.04
N TYR B 182 11.61 12.08 6.37
CA TYR B 182 11.26 10.90 5.56
C TYR B 182 9.76 10.69 5.60
N HIS B 183 9.18 10.45 4.42
CA HIS B 183 7.74 10.32 4.29
C HIS B 183 7.29 9.12 3.42
N GLY B 184 8.23 8.27 3.03
CA GLY B 184 7.90 7.12 2.18
C GLY B 184 8.61 7.11 0.85
N ASP B 185 8.45 6.00 0.12
CA ASP B 185 9.24 5.74 -1.09
C ASP B 185 8.48 6.04 -2.38
N THR B 186 7.19 6.33 -2.29
CA THR B 186 6.45 6.73 -3.48
C THR B 186 6.90 8.13 -3.94
N PHE B 187 6.62 8.42 -5.20
CA PHE B 187 7.10 9.59 -5.96
C PHE B 187 6.75 10.95 -5.33
N LEU B 188 5.49 11.12 -4.91
CA LEU B 188 5.10 12.36 -4.23
C LEU B 188 5.74 12.40 -2.84
N ALA B 189 5.63 11.29 -2.12
CA ALA B 189 6.21 11.16 -0.79
C ALA B 189 7.72 11.49 -0.80
N MET B 190 8.44 10.97 -1.79
CA MET B 190 9.88 11.25 -1.93
C MET B 190 10.17 12.73 -2.17
N SER B 191 9.20 13.46 -2.71
CA SER B 191 9.39 14.89 -3.00
C SER B 191 9.62 15.75 -1.74
N ILE B 192 9.28 15.22 -0.58
CA ILE B 192 9.49 15.94 0.70
C ILE B 192 10.43 15.21 1.65
N CYS B 193 11.00 14.10 1.17
CA CYS B 193 12.03 13.40 1.90
C CYS B 193 13.29 14.26 1.80
N ASP B 194 14.21 14.11 2.74
CA ASP B 194 15.43 14.93 2.66
C ASP B 194 16.04 14.84 1.27
N PRO B 195 16.29 16.01 0.64
CA PRO B 195 16.71 16.08 -0.76
C PRO B 195 18.02 15.35 -1.05
N HIS B 196 18.88 15.24 -0.04
CA HIS B 196 20.22 14.71 -0.27
C HIS B 196 20.53 13.50 0.62
N GLY B 197 20.67 12.35 -0.02
CA GLY B 197 20.72 11.06 0.66
C GLY B 197 19.69 10.15 0.03
N GLY B 198 18.43 10.59 0.02
CA GLY B 198 17.35 9.87 -0.65
C GLY B 198 17.56 9.75 -2.15
N ASP B 205 11.58 16.05 -16.03
CA ASP B 205 12.10 16.53 -14.74
C ASP B 205 12.47 15.42 -13.75
N VAL B 206 13.41 15.74 -12.89
CA VAL B 206 13.60 15.03 -11.64
C VAL B 206 13.37 16.13 -10.60
N LEU B 207 12.31 16.08 -9.77
CA LEU B 207 11.07 15.28 -9.96
C LEU B 207 10.03 15.61 -8.87
N ALA B 208 9.42 16.81 -9.00
CA ALA B 208 8.46 17.40 -8.03
C ALA B 208 9.16 18.28 -7.00
N ALA B 209 9.27 19.58 -7.29
CA ALA B 209 10.18 20.48 -6.55
C ALA B 209 9.50 21.24 -5.40
N GLN B 210 9.72 20.78 -4.17
CA GLN B 210 9.02 21.37 -3.03
C GLN B 210 9.87 22.42 -2.29
N VAL B 211 9.27 23.05 -1.27
CA VAL B 211 9.98 24.08 -0.51
C VAL B 211 10.64 23.44 0.72
N PHE B 212 11.92 23.73 0.95
CA PHE B 212 12.65 23.12 2.06
C PHE B 212 13.27 24.15 2.99
N ALA B 213 12.90 24.08 4.27
CA ALA B 213 13.56 24.87 5.29
C ALA B 213 14.79 24.09 5.77
N PRO B 214 15.76 24.76 6.41
CA PRO B 214 16.91 24.05 6.93
C PRO B 214 16.56 23.01 7.98
N GLN B 215 17.53 22.14 8.28
CA GLN B 215 17.38 21.09 9.28
C GLN B 215 16.89 21.70 10.60
N VAL B 216 15.78 21.20 11.13
CA VAL B 216 15.35 21.69 12.44
C VAL B 216 16.32 21.26 13.55
N PRO B 217 16.76 22.23 14.38
CA PRO B 217 17.76 21.96 15.41
C PRO B 217 17.19 21.17 16.58
N ARG B 218 18.06 20.56 17.38
CA ARG B 218 17.66 19.80 18.56
C ARG B 218 17.07 20.74 19.60
N ASP B 219 17.84 21.78 19.94
CA ASP B 219 17.41 22.74 20.95
C ASP B 219 16.54 23.82 20.35
N TYR B 220 15.66 24.37 21.18
CA TYR B 220 14.75 25.39 20.72
C TYR B 220 15.41 26.75 20.56
N ASP B 221 15.36 27.26 19.33
CA ASP B 221 15.87 28.58 19.04
C ASP B 221 14.80 29.28 18.24
N PRO B 222 14.14 30.29 18.86
CA PRO B 222 13.03 30.98 18.22
C PRO B 222 13.43 31.65 16.90
N ALA B 223 14.73 31.84 16.70
CA ALA B 223 15.23 32.39 15.44
C ALA B 223 15.03 31.40 14.29
N TYR B 224 15.14 30.11 14.57
CA TYR B 224 14.80 29.09 13.58
C TYR B 224 13.37 29.26 13.08
N SER B 225 12.43 29.39 14.02
CA SER B 225 11.02 29.51 13.71
C SER B 225 10.72 30.79 12.92
N ALA B 226 11.41 31.88 13.25
CA ALA B 226 11.24 33.15 12.52
C ALA B 226 11.70 33.06 11.07
N ALA B 227 12.80 32.35 10.83
CA ALA B 227 13.28 32.19 9.47
C ALA B 227 12.36 31.24 8.71
N PHE B 228 11.82 30.25 9.41
CA PHE B 228 10.83 29.35 8.81
C PHE B 228 9.61 30.11 8.32
N GLU B 229 9.08 30.97 9.20
CA GLU B 229 7.99 31.85 8.85
C GLU B 229 8.34 32.76 7.67
N ALA B 230 9.52 33.37 7.71
CA ALA B 230 9.90 34.26 6.60
C ALA B 230 9.88 33.53 5.23
N GLN B 231 10.42 32.31 5.19
CA GLN B 231 10.47 31.52 3.95
C GLN B 231 9.07 31.13 3.48
N LEU B 232 8.25 30.68 4.43
CA LEU B 232 6.89 30.25 4.17
C LEU B 232 6.06 31.40 3.63
N ALA B 233 6.27 32.58 4.20
CA ALA B 233 5.57 33.79 3.78
C ALA B 233 5.82 34.13 2.32
N GLN B 234 7.06 33.95 1.87
CA GLN B 234 7.40 34.13 0.46
C GLN B 234 6.65 33.20 -0.50
N HIS B 235 6.20 32.05 0.01
CA HIS B 235 5.55 31.06 -0.85
C HIS B 235 4.12 30.77 -0.47
N ALA B 236 3.56 31.55 0.45
CA ALA B 236 2.29 31.23 1.07
C ALA B 236 1.19 30.98 0.05
N GLY B 237 1.14 31.80 -1.00
CA GLY B 237 0.12 31.67 -2.04
C GLY B 237 0.27 30.46 -2.95
N GLU B 238 1.42 29.79 -2.88
CA GLU B 238 1.70 28.58 -3.66
C GLU B 238 1.52 27.32 -2.81
N LEU B 239 1.44 27.50 -1.50
CA LEU B 239 1.57 26.38 -0.56
C LEU B 239 0.24 25.85 -0.08
N ALA B 240 0.02 24.57 -0.31
CA ALA B 240 -1.12 23.84 0.25
C ALA B 240 -0.87 23.47 1.71
N ALA B 241 0.36 23.02 2.02
CA ALA B 241 0.64 22.42 3.33
C ALA B 241 2.09 22.45 3.76
N VAL B 242 2.28 22.49 5.06
CA VAL B 242 3.54 22.12 5.65
C VAL B 242 3.38 20.68 6.11
N VAL B 243 4.35 19.84 5.75
CA VAL B 243 4.34 18.45 6.17
C VAL B 243 5.63 18.15 6.94
N VAL B 244 5.50 17.65 8.16
CA VAL B 244 6.67 17.27 8.97
C VAL B 244 6.42 16.04 9.84
N GLU B 245 7.51 15.40 10.26
CA GLU B 245 7.49 14.44 11.37
C GLU B 245 7.58 15.22 12.69
N PRO B 246 6.62 15.01 13.62
CA PRO B 246 6.72 15.75 14.87
C PRO B 246 7.65 15.12 15.90
N VAL B 247 8.51 15.96 16.49
CA VAL B 247 9.47 15.59 17.56
C VAL B 247 10.63 14.70 17.10
N VAL B 248 10.32 13.61 16.40
CA VAL B 248 11.35 12.68 15.96
C VAL B 248 11.33 12.52 14.44
N GLN B 249 12.48 12.76 13.81
CA GLN B 249 12.67 12.40 12.43
C GLN B 249 13.35 11.06 12.43
N GLY B 250 12.73 10.07 11.79
CA GLY B 250 13.19 8.67 11.86
C GLY B 250 14.20 8.24 10.80
N ALA B 251 13.70 7.86 9.62
CA ALA B 251 14.57 7.29 8.57
C ALA B 251 15.52 8.31 7.92
N GLY B 252 15.36 9.57 8.28
CA GLY B 252 16.21 10.62 7.77
C GLY B 252 17.40 10.95 8.66
N GLY B 253 17.48 10.30 9.83
CA GLY B 253 18.65 10.48 10.68
C GLY B 253 18.43 10.32 12.17
N MET B 254 17.26 9.83 12.56
CA MET B 254 16.93 9.65 13.98
C MET B 254 17.22 10.91 14.80
N ARG B 255 16.79 12.07 14.29
CA ARG B 255 17.06 13.33 14.96
C ARG B 255 15.85 13.76 15.75
N PHE B 256 16.09 14.24 16.98
CA PHE B 256 15.05 14.82 17.83
C PHE B 256 15.08 16.36 17.78
N HIS B 257 13.92 16.97 17.96
CA HIS B 257 13.82 18.41 18.03
C HIS B 257 12.81 18.81 19.08
N ASP B 258 12.99 20.01 19.62
CA ASP B 258 12.14 20.52 20.69
C ASP B 258 10.72 20.69 20.19
N PRO B 259 9.73 20.12 20.93
CA PRO B 259 8.30 20.21 20.57
C PRO B 259 7.77 21.64 20.34
N ARG B 260 8.41 22.65 20.93
CA ARG B 260 7.97 24.03 20.73
C ARG B 260 7.98 24.44 19.26
N TYR B 261 8.82 23.80 18.46
CA TYR B 261 8.85 24.05 17.02
C TYR B 261 7.51 23.72 16.37
N LEU B 262 6.86 22.66 16.86
CA LEU B 262 5.54 22.26 16.37
C LEU B 262 4.47 23.27 16.78
N HIS B 263 4.61 23.80 17.98
CA HIS B 263 3.78 24.91 18.44
C HIS B 263 3.90 26.11 17.51
N ASP B 264 5.13 26.50 17.19
CA ASP B 264 5.38 27.61 16.28
C ASP B 264 4.80 27.36 14.88
N LEU B 265 5.06 26.18 14.34
CA LEU B 265 4.51 25.76 13.03
C LEU B 265 3.00 25.89 12.96
N ARG B 266 2.33 25.44 14.02
CA ARG B 266 0.88 25.55 14.10
C ARG B 266 0.39 27.00 13.99
N ASP B 267 1.06 27.90 14.71
CA ASP B 267 0.72 29.33 14.67
C ASP B 267 1.11 29.95 13.32
N ILE B 268 2.28 29.62 12.80
CA ILE B 268 2.69 30.09 11.47
C ILE B 268 1.65 29.68 10.44
N CYS B 269 1.32 28.39 10.41
CA CYS B 269 0.35 27.86 9.45
C CYS B 269 -1.03 28.50 9.55
N ARG B 270 -1.54 28.68 10.76
CA ARG B 270 -2.84 29.31 10.93
C ARG B 270 -2.83 30.76 10.40
N ARG B 271 -1.81 31.53 10.76
CA ARG B 271 -1.73 32.93 10.30
C ARG B 271 -1.60 33.09 8.78
N TYR B 272 -0.91 32.16 8.12
CA TYR B 272 -0.65 32.29 6.69
C TYR B 272 -1.55 31.42 5.83
N GLU B 273 -2.57 30.82 6.44
CA GLU B 273 -3.50 29.94 5.69
C GLU B 273 -2.76 28.85 4.92
N VAL B 274 -1.97 28.05 5.63
CA VAL B 274 -1.33 26.89 5.05
C VAL B 274 -1.74 25.73 5.98
N LEU B 275 -2.13 24.59 5.42
CA LEU B 275 -2.49 23.45 6.26
C LEU B 275 -1.26 22.84 6.92
N LEU B 276 -1.42 22.30 8.13
CA LEU B 276 -0.31 21.62 8.82
C LEU B 276 -0.57 20.12 8.81
N ILE B 277 0.38 19.37 8.27
CA ILE B 277 0.28 17.92 8.24
C ILE B 277 1.39 17.29 9.10
N PHE B 278 1.00 16.44 10.05
CA PHE B 278 1.97 15.66 10.81
C PHE B 278 1.98 14.22 10.31
N ASP B 279 3.16 13.75 9.94
CA ASP B 279 3.37 12.37 9.59
C ASP B 279 3.83 11.62 10.85
N GLU B 280 2.89 10.90 11.47
CA GLU B 280 3.18 10.15 12.70
C GLU B 280 3.27 8.64 12.44
N ILE B 281 3.61 8.28 11.21
CA ILE B 281 3.78 6.87 10.85
C ILE B 281 4.83 6.18 11.75
N ALA B 282 5.92 6.87 12.07
CA ALA B 282 6.90 6.30 13.01
C ALA B 282 6.63 6.64 14.50
N THR B 283 6.18 7.86 14.75
CA THR B 283 6.07 8.35 16.12
C THR B 283 4.80 7.88 16.86
N GLY B 284 3.81 7.37 16.14
CA GLY B 284 2.52 7.07 16.73
C GLY B 284 2.47 5.98 17.79
N PHE B 285 1.37 5.96 18.54
CA PHE B 285 1.08 4.87 19.46
C PHE B 285 2.14 4.67 20.57
N GLY B 286 2.50 5.77 21.24
CA GLY B 286 3.33 5.73 22.44
C GLY B 286 4.85 5.79 22.25
N ARG B 287 5.32 5.62 21.01
CA ARG B 287 6.73 5.39 20.75
C ARG B 287 7.66 6.46 21.37
N THR B 288 7.22 7.72 21.35
CA THR B 288 8.02 8.82 21.91
C THR B 288 7.65 9.20 23.35
N GLY B 289 6.86 8.37 24.01
CA GLY B 289 6.50 8.70 25.39
C GLY B 289 5.22 9.47 25.57
N ALA B 290 4.70 10.02 24.47
CA ALA B 290 3.33 10.52 24.41
C ALA B 290 2.57 9.61 23.46
N LEU B 291 1.25 9.57 23.58
CA LEU B 291 0.43 8.71 22.71
C LEU B 291 0.70 9.03 21.24
N PHE B 292 0.70 10.33 20.92
CA PHE B 292 1.18 10.83 19.65
C PHE B 292 2.18 11.95 19.88
N ALA B 293 3.19 12.04 19.02
CA ALA B 293 4.26 13.04 19.25
C ALA B 293 3.72 14.47 19.30
N ALA B 294 2.65 14.71 18.56
CA ALA B 294 1.96 16.00 18.56
C ALA B 294 1.63 16.47 19.99
N ASP B 295 1.31 15.49 20.84
CA ASP B 295 0.96 15.70 22.25
C ASP B 295 2.10 16.32 23.07
N HIS B 296 3.35 16.15 22.66
CA HIS B 296 4.47 16.79 23.36
C HIS B 296 4.43 18.31 23.24
N ALA B 297 3.68 18.82 22.28
CA ALA B 297 3.59 20.27 22.06
C ALA B 297 2.17 20.78 22.28
N GLY B 298 1.23 19.87 22.50
CA GLY B 298 -0.18 20.23 22.61
C GLY B 298 -0.81 20.78 21.33
N VAL B 299 -0.32 20.35 20.18
CA VAL B 299 -0.92 20.87 18.94
C VAL B 299 -1.69 19.80 18.16
N SER B 300 -2.73 20.26 17.45
CA SER B 300 -3.40 19.43 16.46
C SER B 300 -3.05 19.92 15.06
N PRO B 301 -2.65 18.97 14.18
CA PRO B 301 -2.45 19.29 12.79
C PRO B 301 -3.82 19.25 12.12
N ASP B 302 -3.91 19.76 10.91
CA ASP B 302 -5.12 19.69 10.10
C ASP B 302 -5.30 18.30 9.53
N ILE B 303 -4.18 17.64 9.23
CA ILE B 303 -4.18 16.30 8.66
C ILE B 303 -3.09 15.49 9.36
N MET B 304 -3.35 14.21 9.57
CA MET B 304 -2.39 13.36 10.26
C MET B 304 -2.32 11.97 9.63
N CYS B 305 -1.11 11.44 9.55
CA CYS B 305 -0.84 10.10 9.01
C CYS B 305 -0.35 9.14 10.11
N VAL B 306 -0.87 7.92 10.09
CA VAL B 306 -0.42 6.89 11.02
C VAL B 306 -0.22 5.61 10.22
N GLY B 307 0.53 4.66 10.78
CA GLY B 307 0.84 3.42 10.08
C GLY B 307 1.73 2.60 10.98
N LYS B 308 2.64 1.82 10.40
CA LYS B 308 3.60 0.94 11.12
C LYS B 308 3.01 0.17 12.31
N ALA B 309 3.12 0.75 13.51
CA ALA B 309 2.64 0.14 14.77
C ALA B 309 1.12 0.08 14.92
N LEU B 310 0.38 0.68 13.99
CA LEU B 310 -1.08 0.69 14.00
C LEU B 310 -1.68 -0.71 14.16
N THR B 311 -1.12 -1.68 13.45
CA THR B 311 -1.60 -3.05 13.55
C THR B 311 -0.81 -3.92 14.53
N GLY B 312 0.02 -3.30 15.37
CA GLY B 312 0.95 -4.08 16.21
C GLY B 312 1.97 -4.84 15.36
N GLY B 313 2.11 -4.45 14.11
CA GLY B 313 3.08 -5.10 13.19
C GLY B 313 2.66 -6.43 12.61
N TYR B 314 1.37 -6.68 12.57
CA TYR B 314 0.82 -7.91 11.99
C TYR B 314 0.72 -7.81 10.49
N LEU B 315 0.23 -6.66 10.03
CA LEU B 315 -0.29 -6.51 8.69
C LEU B 315 -0.16 -5.06 8.27
N SER B 316 -0.02 -4.84 6.97
CA SER B 316 0.09 -3.47 6.45
C SER B 316 -1.23 -2.71 6.49
N LEU B 317 -1.26 -1.65 7.26
CA LEU B 317 -2.40 -0.75 7.29
C LEU B 317 -1.90 0.64 7.62
N ALA B 318 -2.50 1.65 7.00
CA ALA B 318 -2.22 3.02 7.40
C ALA B 318 -3.54 3.79 7.43
N ALA B 319 -3.51 5.02 7.91
CA ALA B 319 -4.68 5.88 7.86
C ALA B 319 -4.29 7.34 7.78
N THR B 320 -5.14 8.13 7.12
CA THR B 320 -4.98 9.56 7.06
C THR B 320 -6.22 10.16 7.70
N LEU B 321 -6.03 10.98 8.73
CA LEU B 321 -7.13 11.65 9.40
C LEU B 321 -7.14 13.12 9.06
N CYS B 322 -8.31 13.71 8.98
CA CYS B 322 -8.38 15.17 8.83
C CYS B 322 -9.49 15.74 9.72
N THR B 323 -9.51 17.06 9.83
CA THR B 323 -10.53 17.77 10.59
C THR B 323 -11.84 17.85 9.81
N ALA B 324 -12.92 18.20 10.50
CA ALA B 324 -14.21 18.38 9.85
C ALA B 324 -14.20 19.50 8.81
N ASP B 325 -13.42 20.55 9.04
CA ASP B 325 -13.34 21.64 8.06
C ASP B 325 -12.64 21.17 6.78
N VAL B 326 -11.60 20.37 6.91
CA VAL B 326 -10.95 19.81 5.73
C VAL B 326 -11.92 18.86 5.00
N ALA B 327 -12.53 17.94 5.73
CA ALA B 327 -13.46 16.98 5.11
C ALA B 327 -14.62 17.65 4.39
N HIS B 328 -15.27 18.61 5.06
CA HIS B 328 -16.43 19.28 4.50
C HIS B 328 -16.07 20.15 3.30
N THR B 329 -14.92 20.80 3.36
CA THR B 329 -14.50 21.71 2.29
C THR B 329 -14.14 20.95 1.01
N ILE B 330 -13.55 19.76 1.17
CA ILE B 330 -13.26 18.89 0.03
C ILE B 330 -14.54 18.28 -0.52
N SER B 331 -15.40 17.76 0.37
CA SER B 331 -16.59 17.03 -0.05
C SER B 331 -17.66 17.93 -0.67
N ALA B 332 -17.67 19.20 -0.26
CA ALA B 332 -18.55 20.18 -0.87
C ALA B 332 -17.95 20.68 -2.18
N GLY B 333 -16.67 20.36 -2.39
CA GLY B 333 -15.95 20.73 -3.60
C GLY B 333 -16.35 19.91 -4.83
N ALA B 334 -15.76 20.24 -5.97
CA ALA B 334 -16.25 19.74 -7.26
C ALA B 334 -16.01 18.25 -7.54
N ALA B 335 -14.75 17.95 -7.88
CA ALA B 335 -14.39 16.72 -8.56
C ALA B 335 -15.03 15.44 -8.02
N GLY B 336 -15.03 15.29 -6.71
CA GLY B 336 -15.17 13.96 -6.13
C GLY B 336 -13.88 13.23 -6.46
N ALA B 337 -13.83 11.94 -6.11
CA ALA B 337 -12.66 11.12 -6.40
C ALA B 337 -11.35 11.71 -5.82
N LEU B 338 -11.21 11.59 -4.50
CA LEU B 338 -9.91 11.76 -3.87
C LEU B 338 -9.12 10.50 -4.23
N MET B 339 -9.80 9.35 -4.13
CA MET B 339 -9.22 8.05 -4.45
C MET B 339 -10.24 7.16 -5.15
N ARG B 340 -9.76 6.08 -5.76
CA ARG B 340 -10.67 5.10 -6.35
C ARG B 340 -11.14 3.85 -5.55
N GLY B 341 -10.30 3.08 -4.83
CA GLY B 341 -8.88 3.31 -4.52
C GLY B 341 -8.70 3.49 -3.01
N PRO B 342 -7.89 2.63 -2.34
CA PRO B 342 -7.22 1.38 -2.70
C PRO B 342 -8.14 0.16 -2.63
N THR B 343 -7.86 -0.81 -3.49
CA THR B 343 -8.64 -2.02 -3.55
C THR B 343 -8.96 -2.60 -2.16
N PHE B 344 -7.91 -2.74 -1.34
CA PHE B 344 -7.99 -3.35 -0.02
C PHE B 344 -8.25 -2.37 1.11
N MET B 345 -8.79 -1.21 0.76
CA MET B 345 -9.09 -0.18 1.74
C MET B 345 -9.92 -0.74 2.89
N ALA B 346 -9.48 -0.44 4.11
CA ALA B 346 -10.17 -0.77 5.33
C ALA B 346 -10.36 -2.28 5.53
N ASN B 347 -9.40 -3.06 5.05
CA ASN B 347 -9.37 -4.51 5.24
C ASN B 347 -9.84 -4.94 6.63
N PRO B 348 -10.97 -5.65 6.71
CA PRO B 348 -11.45 -6.17 7.99
C PRO B 348 -10.38 -6.87 8.86
N LEU B 349 -9.56 -7.75 8.29
CA LEU B 349 -8.53 -8.43 9.08
C LEU B 349 -7.51 -7.47 9.71
N ALA B 350 -6.95 -6.59 8.88
CA ALA B 350 -6.01 -5.61 9.39
C ALA B 350 -6.66 -4.64 10.37
N CYS B 351 -7.89 -4.20 10.09
CA CYS B 351 -8.57 -3.30 11.02
C CYS B 351 -8.82 -3.96 12.37
N ALA B 352 -9.22 -5.23 12.32
CA ALA B 352 -9.51 -6.00 13.53
C ALA B 352 -8.30 -6.15 14.44
N VAL B 353 -7.17 -6.52 13.87
CA VAL B 353 -5.95 -6.68 14.66
C VAL B 353 -5.49 -5.33 15.22
N SER B 354 -5.73 -4.27 14.45
CA SER B 354 -5.39 -2.93 14.86
C SER B 354 -6.23 -2.44 16.04
N VAL B 355 -7.53 -2.73 16.02
CA VAL B 355 -8.39 -2.48 17.19
C VAL B 355 -7.84 -3.14 18.46
N ALA B 356 -7.56 -4.43 18.40
CA ALA B 356 -6.96 -5.16 19.51
C ALA B 356 -5.64 -4.51 19.96
N SER B 357 -4.78 -4.19 18.99
CA SER B 357 -3.51 -3.51 19.32
C SER B 357 -3.69 -2.17 20.01
N VAL B 358 -4.56 -1.33 19.49
CA VAL B 358 -4.78 -0.02 20.09
C VAL B 358 -5.39 -0.16 21.48
N GLU B 359 -6.40 -1.04 21.59
CA GLU B 359 -7.03 -1.31 22.88
C GLU B 359 -6.08 -1.90 23.90
N LEU B 360 -5.18 -2.77 23.45
CA LEU B 360 -4.17 -3.32 24.33
C LEU B 360 -3.34 -2.19 24.90
N LEU B 361 -2.95 -1.24 24.05
CA LEU B 361 -2.07 -0.15 24.45
C LEU B 361 -2.74 0.76 25.47
N LEU B 362 -3.99 1.10 25.18
CA LEU B 362 -4.81 1.99 26.01
C LEU B 362 -5.24 1.34 27.32
N GLY B 363 -5.30 0.02 27.33
CA GLY B 363 -5.81 -0.70 28.49
C GLY B 363 -4.78 -0.87 29.59
N GLN B 364 -3.58 -0.36 29.35
CA GLN B 364 -2.49 -0.45 30.30
C GLN B 364 -1.91 0.93 30.63
N ASP B 365 -1.11 1.01 31.68
CA ASP B 365 -0.32 2.22 31.93
C ASP B 365 0.85 2.30 30.92
N TRP B 366 0.54 2.63 29.68
CA TRP B 366 1.55 2.68 28.63
C TRP B 366 2.57 3.77 28.91
N ARG B 367 2.12 4.84 29.57
CA ARG B 367 2.99 6.01 29.75
C ARG B 367 4.14 5.68 30.67
N THR B 368 3.81 4.96 31.74
CA THR B 368 4.82 4.47 32.71
C THR B 368 5.74 3.46 32.05
N ARG B 369 5.16 2.52 31.32
CA ARG B 369 5.96 1.54 30.56
C ARG B 369 7.03 2.19 29.68
N ILE B 370 6.64 3.22 28.92
CA ILE B 370 7.59 3.86 28.00
C ILE B 370 8.66 4.66 28.78
N THR B 371 8.26 5.27 29.89
CA THR B 371 9.18 6.00 30.77
C THR B 371 10.26 5.04 31.29
N GLU B 372 9.84 3.90 31.82
CA GLU B 372 10.75 2.82 32.22
C GLU B 372 11.65 2.36 31.09
N LEU B 373 11.11 2.27 29.87
CA LEU B 373 11.93 1.88 28.71
C LEU B 373 12.96 2.94 28.38
N ALA B 374 12.53 4.21 28.45
CA ALA B 374 13.41 5.33 28.17
C ALA B 374 14.56 5.37 29.17
N ALA B 375 14.22 5.16 30.44
CA ALA B 375 15.21 5.14 31.53
C ALA B 375 16.21 3.99 31.35
N GLY B 376 15.72 2.83 30.93
CA GLY B 376 16.56 1.68 30.66
C GLY B 376 17.51 1.89 29.49
N LEU B 377 17.03 2.54 28.44
CA LEU B 377 17.87 2.88 27.29
C LEU B 377 18.94 3.91 27.65
N THR B 378 18.57 4.89 28.46
CA THR B 378 19.53 5.93 28.86
C THR B 378 20.70 5.30 29.62
N ALA B 379 20.37 4.50 30.63
CA ALA B 379 21.36 3.85 31.47
C ALA B 379 22.27 2.93 30.66
N GLY B 380 21.70 2.24 29.67
CA GLY B 380 22.44 1.23 28.92
C GLY B 380 23.34 1.82 27.85
N LEU B 381 23.00 3.01 27.37
CA LEU B 381 23.77 3.58 26.27
C LEU B 381 24.73 4.66 26.75
N ASP B 382 24.58 5.06 28.01
CA ASP B 382 25.39 6.12 28.60
C ASP B 382 26.88 5.89 28.33
N THR B 383 27.33 4.68 28.66
CA THR B 383 28.70 4.23 28.43
C THR B 383 29.27 4.67 27.08
N ALA B 384 28.47 4.50 26.03
CA ALA B 384 28.93 4.71 24.66
C ALA B 384 29.43 6.13 24.35
N ARG B 385 29.07 7.10 25.19
CA ARG B 385 29.41 8.49 24.88
C ARG B 385 30.93 8.76 24.91
N ALA B 386 31.65 7.97 25.70
CA ALA B 386 33.10 8.10 25.84
C ALA B 386 33.89 7.40 24.73
N LEU B 387 33.20 6.68 23.85
CA LEU B 387 33.87 5.95 22.77
C LEU B 387 34.43 6.88 21.69
N PRO B 388 35.61 6.54 21.14
CA PRO B 388 36.27 7.34 20.09
C PRO B 388 35.39 7.72 18.89
N ALA B 389 34.50 6.83 18.45
CA ALA B 389 33.71 7.09 17.24
C ALA B 389 32.30 7.64 17.49
N VAL B 390 31.97 7.90 18.75
CA VAL B 390 30.63 8.33 19.12
C VAL B 390 30.50 9.85 19.28
N THR B 391 29.69 10.44 18.39
CA THR B 391 29.37 11.87 18.44
C THR B 391 28.31 12.19 19.48
N ASP B 392 27.28 11.35 19.56
CA ASP B 392 26.15 11.66 20.40
C ASP B 392 25.46 10.39 20.82
N VAL B 393 24.86 10.44 22.01
CA VAL B 393 23.96 9.42 22.47
C VAL B 393 22.68 10.13 22.86
N ARG B 394 21.53 9.66 22.36
CA ARG B 394 20.25 10.31 22.66
C ARG B 394 19.08 9.32 22.75
N VAL B 395 18.16 9.61 23.66
CA VAL B 395 16.99 8.77 23.89
C VAL B 395 15.72 9.66 23.89
N CYS B 396 14.66 9.19 23.23
CA CYS B 396 13.34 9.83 23.26
C CYS B 396 12.26 8.76 23.36
N GLY B 397 11.63 8.64 24.52
CA GLY B 397 10.73 7.51 24.75
C GLY B 397 11.45 6.19 24.49
N ALA B 398 10.79 5.27 23.80
CA ALA B 398 11.36 3.96 23.52
C ALA B 398 12.16 3.95 22.22
N ILE B 399 13.04 4.94 22.10
CA ILE B 399 13.92 5.10 20.97
C ILE B 399 15.27 5.47 21.56
N GLY B 400 16.30 4.69 21.25
CA GLY B 400 17.64 4.95 21.78
C GLY B 400 18.64 5.03 20.66
N VAL B 401 19.51 6.04 20.67
CA VAL B 401 20.36 6.30 19.51
C VAL B 401 21.81 6.60 19.86
N ILE B 402 22.73 5.89 19.20
CA ILE B 402 24.15 6.23 19.24
C ILE B 402 24.56 6.71 17.86
N GLU B 403 25.00 7.96 17.77
CA GLU B 403 25.43 8.50 16.50
C GLU B 403 26.96 8.46 16.40
N CYS B 404 27.46 7.96 15.26
CA CYS B 404 28.89 7.77 15.08
C CYS B 404 29.47 8.79 14.12
N ASP B 405 30.80 8.89 14.09
CA ASP B 405 31.46 9.87 13.23
C ASP B 405 31.81 9.28 11.86
N ARG B 406 31.24 8.12 11.60
CA ARG B 406 31.43 7.44 10.33
C ARG B 406 30.36 6.40 10.13
N PRO B 407 30.20 5.91 8.88
CA PRO B 407 29.21 4.89 8.58
C PRO B 407 29.46 3.65 9.43
N VAL B 408 28.38 2.92 9.76
CA VAL B 408 28.53 1.64 10.42
C VAL B 408 28.61 0.55 9.33
N ASP B 409 29.60 -0.33 9.44
CA ASP B 409 29.72 -1.46 8.52
C ASP B 409 28.74 -2.54 8.94
N LEU B 410 27.71 -2.76 8.13
CA LEU B 410 26.71 -3.80 8.41
C LEU B 410 27.26 -5.23 8.39
N ALA B 411 28.33 -5.45 7.63
CA ALA B 411 28.97 -6.76 7.58
C ALA B 411 29.72 -7.06 8.88
N VAL B 412 29.94 -6.01 9.67
CA VAL B 412 30.61 -6.14 10.96
C VAL B 412 29.60 -6.01 12.09
N ALA B 413 28.68 -5.06 11.94
CA ALA B 413 27.69 -4.77 12.97
C ALA B 413 26.70 -5.92 13.19
N THR B 414 26.16 -6.46 12.11
CA THR B 414 25.16 -7.54 12.17
C THR B 414 25.65 -8.79 12.92
N PRO B 415 26.72 -9.43 12.42
CA PRO B 415 27.20 -10.62 13.15
C PRO B 415 27.60 -10.33 14.59
N ALA B 416 28.10 -9.14 14.88
CA ALA B 416 28.51 -8.79 16.25
C ALA B 416 27.35 -8.72 17.22
N ALA B 417 26.22 -8.18 16.79
CA ALA B 417 25.05 -8.11 17.67
C ALA B 417 24.29 -9.45 17.74
N LEU B 418 24.37 -10.25 16.68
CA LEU B 418 23.74 -11.59 16.69
C LEU B 418 24.43 -12.52 17.68
N ASP B 419 25.77 -12.46 17.70
CA ASP B 419 26.56 -13.23 18.66
C ASP B 419 26.18 -12.85 20.09
N ARG B 420 25.58 -11.67 20.24
CA ARG B 420 25.11 -11.19 21.53
C ARG B 420 23.62 -11.37 21.73
N GLY B 421 22.99 -12.15 20.87
CA GLY B 421 21.58 -12.46 21.01
C GLY B 421 20.67 -11.30 20.67
N VAL B 422 21.13 -10.42 19.79
CA VAL B 422 20.36 -9.24 19.40
C VAL B 422 20.33 -9.06 17.88
N TRP B 423 19.13 -8.84 17.34
CA TRP B 423 18.98 -8.41 15.96
C TRP B 423 18.92 -6.86 15.88
N LEU B 424 19.99 -6.26 15.35
CA LEU B 424 20.09 -4.82 15.21
C LEU B 424 20.40 -4.51 13.76
N ARG B 425 19.76 -3.47 13.23
CA ARG B 425 20.05 -3.02 11.88
C ARG B 425 20.37 -1.53 11.90
N PRO B 426 21.66 -1.19 11.98
CA PRO B 426 22.08 0.19 11.85
C PRO B 426 21.82 0.72 10.45
N PHE B 427 21.76 2.03 10.31
CA PHE B 427 21.82 2.63 8.98
C PHE B 427 22.71 3.87 9.03
N ARG B 428 23.28 4.21 7.89
CA ARG B 428 24.28 5.27 7.79
C ARG B 428 25.22 5.22 8.99
N ASN B 429 25.30 6.31 9.76
CA ASN B 429 26.20 6.37 10.91
C ASN B 429 25.51 6.10 12.23
N LEU B 430 24.34 5.46 12.20
CA LEU B 430 23.52 5.30 13.39
C LEU B 430 23.35 3.86 13.88
N VAL B 431 23.61 3.66 15.17
CA VAL B 431 23.27 2.45 15.87
C VAL B 431 22.12 2.81 16.80
N TYR B 432 20.96 2.20 16.60
CA TYR B 432 19.75 2.64 17.32
C TYR B 432 18.82 1.46 17.55
N ALA B 433 17.88 1.65 18.49
CA ALA B 433 16.91 0.63 18.77
C ALA B 433 15.56 1.26 18.98
N MET B 434 14.52 0.53 18.62
CA MET B 434 13.14 0.91 18.89
C MET B 434 12.44 -0.37 19.29
N PRO B 435 12.72 -0.85 20.51
CA PRO B 435 12.33 -2.18 20.97
C PRO B 435 10.86 -2.25 21.34
N PRO B 436 10.30 -3.47 21.33
CA PRO B 436 8.92 -3.68 21.80
C PRO B 436 8.67 -3.12 23.19
N TYR B 437 7.42 -2.74 23.46
CA TYR B 437 7.09 -2.15 24.77
C TYR B 437 7.16 -3.20 25.87
N ILE B 438 7.09 -4.47 25.47
CA ILE B 438 7.07 -5.60 26.42
C ILE B 438 8.47 -6.05 26.83
N CYS B 439 9.48 -5.35 26.36
CA CYS B 439 10.86 -5.71 26.71
C CYS B 439 11.09 -5.47 28.20
N THR B 440 11.63 -6.50 28.86
CA THR B 440 11.96 -6.41 30.28
C THR B 440 13.24 -5.62 30.42
N PRO B 441 13.51 -5.09 31.63
CA PRO B 441 14.77 -4.40 31.94
C PRO B 441 15.97 -5.24 31.53
N ALA B 442 15.91 -6.55 31.75
CA ALA B 442 17.02 -7.43 31.38
C ALA B 442 17.19 -7.52 29.84
N GLU B 443 16.08 -7.50 29.11
CA GLU B 443 16.15 -7.49 27.65
C GLU B 443 16.69 -6.16 27.11
N ILE B 444 16.35 -5.06 27.78
CA ILE B 444 16.85 -3.73 27.41
C ILE B 444 18.36 -3.60 27.65
N THR B 445 18.83 -4.15 28.77
CA THR B 445 20.26 -4.13 29.08
C THR B 445 21.04 -4.95 28.06
N GLN B 446 20.48 -6.08 27.65
CA GLN B 446 21.10 -6.91 26.62
C GLN B 446 21.14 -6.18 25.27
N ILE B 447 20.04 -5.53 24.91
CA ILE B 447 19.99 -4.75 23.68
C ILE B 447 21.02 -3.62 23.73
N THR B 448 20.98 -2.81 24.79
CA THR B 448 21.89 -1.67 24.90
C THR B 448 23.37 -2.08 24.97
N SER B 449 23.64 -3.16 25.69
CA SER B 449 24.99 -3.72 25.73
C SER B 449 25.51 -4.11 24.34
N ALA B 450 24.69 -4.77 23.53
CA ALA B 450 25.05 -5.08 22.15
C ALA B 450 25.27 -3.80 21.32
N MET B 451 24.43 -2.80 21.55
CA MET B 451 24.56 -1.50 20.86
C MET B 451 25.92 -0.81 21.13
N VAL B 452 26.30 -0.72 22.40
CA VAL B 452 27.57 -0.14 22.81
C VAL B 452 28.75 -0.88 22.19
N GLU B 453 28.64 -2.20 22.12
CA GLU B 453 29.70 -3.03 21.56
C GLU B 453 29.86 -2.80 20.05
N VAL B 454 28.75 -2.65 19.33
CA VAL B 454 28.79 -2.34 17.91
C VAL B 454 29.43 -0.96 17.68
N ALA B 455 29.08 -0.01 18.53
CA ALA B 455 29.66 1.33 18.49
C ALA B 455 31.16 1.26 18.79
N ARG B 456 31.52 0.38 19.71
CA ARG B 456 32.92 0.22 20.14
C ARG B 456 33.74 -0.35 18.99
N LEU B 457 33.10 -1.16 18.16
CA LEU B 457 33.73 -1.76 16.99
C LEU B 457 33.90 -0.83 15.80
N VAL B 458 32.96 0.10 15.60
CA VAL B 458 33.06 1.01 14.46
C VAL B 458 34.35 1.83 14.56
N GLY B 459 34.77 2.14 15.78
CA GLY B 459 36.00 2.90 16.01
C GLY B 459 37.25 2.04 15.83
N SER B 460 37.25 0.87 16.46
CA SER B 460 38.38 -0.07 16.37
C SER B 460 39.21 0.09 15.10
#